data_6NB5
#
_entry.id   6NB5
#
_cell.length_a   70.725
_cell.length_b   69.575
_cell.length_c   93.838
_cell.angle_alpha   90.00
_cell.angle_beta   107.65
_cell.angle_gamma   90.00
#
_symmetry.space_group_name_H-M   'P 1 21 1'
#
loop_
_entity.id
_entity.type
_entity.pdbx_description
1 polymer 'LCA60 antigen-binding (Fab) fragment, heavy chain'
2 polymer 'LCA60 antigen-binding (Fab) fragment, light chain'
#
loop_
_entity_poly.entity_id
_entity_poly.type
_entity_poly.pdbx_seq_one_letter_code
_entity_poly.pdbx_strand_id
1 'polypeptide(L)'
;EVQLLESGGGLVKPGGSLRLSCEASGLTFSNVWMSWVRQAPGKGLEWVGRIKRKSEGATTDYGAPVKGRFTLSRDDSKNT
VYLQMNSLKIDDTAVYYCSTLTRGGDVWSSSYYFDYWGQGALVTVSSASTKGPSVFPLAPSSKSTSGGTAALGCLVKDYF
PEPVTVSWNSGALTSGVHTFPAVLQSSGLYSLSSVVTVPSSSLGTQTYICNVNHKPSNTKVDKRVEPKSC
;
H,I
2 'polypeptide(L)'
;QSALTQPASVSGSPGQSITISCTGTSSDVGTYDLVSWYQQHPGKSPKLMIYADIKRPSGVSHRFSGSKSGNTASLTISGL
QSADEADYYCCLYAGSSTSVIFGGGTKVTGQPKAAPSVTLFPPSSEELQANKATLVCLISDFYPGAVTVAWKADSSPVKA
GVETTTPSKQSNNKYAASSYLSLTPEQWKSHRSYSCQVTHEGSTVEKTVAPTECS
;
L,M
#
# COMPACT_ATOMS: atom_id res chain seq x y z
N GLU A 1 8.08 26.42 25.42
CA GLU A 1 7.58 25.93 24.10
C GLU A 1 6.20 25.29 24.30
N VAL A 2 5.65 24.75 23.21
CA VAL A 2 4.47 23.85 23.25
C VAL A 2 4.98 22.44 22.92
N GLN A 3 4.47 21.43 23.61
CA GLN A 3 4.78 20.01 23.24
C GLN A 3 3.47 19.23 23.09
N LEU A 4 3.43 18.36 22.08
CA LEU A 4 2.34 17.39 21.84
C LEU A 4 2.96 15.98 21.72
N LEU A 5 2.58 15.06 22.59
CA LEU A 5 3.15 13.68 22.58
C LEU A 5 1.99 12.69 22.48
N GLU A 6 2.10 11.74 21.55
CA GLU A 6 1.08 10.69 21.34
C GLU A 6 1.54 9.40 22.00
N SER A 7 0.68 8.39 22.03
CA SER A 7 0.98 7.09 22.66
C SER A 7 -0.07 6.04 22.27
N GLY A 8 0.21 4.77 22.59
CA GLY A 8 -0.73 3.64 22.37
C GLY A 8 -0.59 3.03 20.99
N GLY A 9 0.40 3.49 20.21
CA GLY A 9 0.67 2.97 18.85
C GLY A 9 1.17 1.54 18.93
N GLY A 10 1.53 0.98 17.77
CA GLY A 10 2.00 -0.41 17.66
C GLY A 10 1.10 -1.23 16.75
N LEU A 11 0.92 -2.51 17.08
CA LEU A 11 0.25 -3.50 16.21
C LEU A 11 -1.20 -3.69 16.66
N VAL A 12 -2.07 -3.87 15.69
CA VAL A 12 -3.51 -4.24 15.89
C VAL A 12 -3.94 -5.12 14.73
N LYS A 13 -4.70 -6.18 15.02
CA LYS A 13 -5.20 -7.12 13.98
C LYS A 13 -6.38 -6.45 13.29
N PRO A 14 -6.55 -6.66 11.97
CA PRO A 14 -7.69 -6.13 11.23
C PRO A 14 -9.01 -6.48 11.92
N GLY A 15 -9.89 -5.49 12.12
CA GLY A 15 -11.18 -5.64 12.81
C GLY A 15 -11.04 -5.46 14.31
N GLY A 16 -9.80 -5.48 14.81
CA GLY A 16 -9.51 -5.24 16.24
C GLY A 16 -9.63 -3.77 16.54
N SER A 17 -9.29 -3.36 17.75
CA SER A 17 -9.42 -1.95 18.18
C SER A 17 -8.12 -1.45 18.79
N LEU A 18 -7.83 -0.17 18.60
CA LEU A 18 -6.60 0.46 19.15
C LEU A 18 -6.86 1.94 19.41
N ARG A 19 -6.74 2.35 20.67
CA ARG A 19 -7.00 3.75 21.07
C ARG A 19 -5.67 4.49 21.20
N LEU A 20 -5.57 5.66 20.59
CA LEU A 20 -4.39 6.55 20.77
C LEU A 20 -4.75 7.63 21.76
N SER A 21 -3.76 8.08 22.53
CA SER A 21 -3.88 9.21 23.48
C SER A 21 -2.79 10.23 23.20
N CYS A 22 -3.06 11.51 23.46
CA CYS A 22 -2.15 12.62 23.12
C CYS A 22 -2.20 13.68 24.20
N GLU A 23 -1.09 13.90 24.89
CA GLU A 23 -1.01 14.82 26.05
C GLU A 23 -0.48 16.18 25.57
N ALA A 24 -1.10 17.27 26.01
CA ALA A 24 -0.70 18.65 25.65
C ALA A 24 0.17 19.25 26.74
N SER A 25 0.96 20.28 26.41
CA SER A 25 1.82 21.02 27.36
C SER A 25 2.29 22.34 26.75
N GLY A 26 2.33 23.40 27.57
CA GLY A 26 2.74 24.74 27.15
C GLY A 26 1.63 25.42 26.37
N LEU A 27 0.42 24.89 26.47
CA LEU A 27 -0.77 25.42 25.77
C LEU A 27 -1.99 25.09 26.61
N THR A 28 -2.95 26.02 26.71
CA THR A 28 -4.20 25.86 27.49
C THR A 28 -5.21 25.02 26.69
N PHE A 29 -5.35 23.76 27.08
CA PHE A 29 -6.16 22.71 26.40
C PHE A 29 -7.60 23.18 26.16
N SER A 30 -8.18 23.84 27.16
CA SER A 30 -9.62 24.17 27.24
C SER A 30 -10.10 24.87 25.97
N ASN A 31 -9.33 25.86 25.50
CA ASN A 31 -9.80 26.81 24.45
C ASN A 31 -9.34 26.36 23.04
N VAL A 32 -8.45 25.37 22.93
CA VAL A 32 -7.83 25.00 21.63
C VAL A 32 -8.48 23.72 21.09
N TRP A 33 -8.78 23.69 19.80
CA TRP A 33 -9.35 22.51 19.11
C TRP A 33 -8.23 21.50 18.89
N MET A 34 -8.56 20.21 18.90
CA MET A 34 -7.59 19.12 18.65
C MET A 34 -7.99 18.36 17.39
N SER A 35 -6.98 17.91 16.65
CA SER A 35 -7.14 17.23 15.34
C SER A 35 -6.14 16.10 15.18
N TRP A 36 -6.46 15.15 14.30
CA TRP A 36 -5.56 14.05 13.92
C TRP A 36 -5.41 14.04 12.41
N VAL A 37 -4.16 13.91 11.96
CA VAL A 37 -3.83 13.77 10.52
C VAL A 37 -3.02 12.48 10.37
N ARG A 38 -3.23 11.76 9.28
CA ARG A 38 -2.65 10.42 9.08
C ARG A 38 -1.71 10.42 7.90
N GLN A 39 -0.48 9.94 8.10
CA GLN A 39 0.57 9.82 7.05
C GLN A 39 0.69 8.35 6.67
N ALA A 40 -0.15 7.86 5.79
CA ALA A 40 -0.06 6.46 5.34
C ALA A 40 1.36 6.25 4.82
N PRO A 41 1.93 5.04 5.00
CA PRO A 41 3.34 4.77 4.69
C PRO A 41 3.68 5.03 3.23
N GLY A 42 4.60 5.98 2.99
CA GLY A 42 5.02 6.38 1.64
C GLY A 42 3.95 7.16 0.90
N LYS A 43 2.90 7.60 1.60
CA LYS A 43 1.76 8.34 0.99
C LYS A 43 1.63 9.71 1.67
N GLY A 44 0.68 10.51 1.21
CA GLY A 44 0.56 11.92 1.63
C GLY A 44 -0.19 12.03 2.95
N LEU A 45 -0.50 13.27 3.32
CA LEU A 45 -1.24 13.59 4.56
C LEU A 45 -2.73 13.51 4.29
N GLU A 46 -3.44 12.71 5.08
CA GLU A 46 -4.91 12.54 5.01
C GLU A 46 -5.49 12.89 6.37
N TRP A 47 -6.49 13.77 6.41
CA TRP A 47 -7.10 14.26 7.66
C TRP A 47 -8.00 13.18 8.25
N VAL A 48 -7.86 12.90 9.55
CA VAL A 48 -8.65 11.85 10.25
C VAL A 48 -9.87 12.51 10.87
N GLY A 49 -9.66 13.56 11.65
CA GLY A 49 -10.80 14.21 12.32
C GLY A 49 -10.37 15.40 13.14
N ARG A 50 -11.36 16.11 13.68
CA ARG A 50 -11.17 17.27 14.59
C ARG A 50 -12.22 17.20 15.70
N ILE A 51 -11.86 17.69 16.87
CA ILE A 51 -12.80 17.75 18.03
C ILE A 51 -12.77 19.17 18.59
N LYS A 52 -13.95 19.77 18.71
CA LYS A 52 -14.12 21.18 19.12
C LYS A 52 -14.07 21.24 20.65
N ARG A 53 -13.83 22.44 21.18
CA ARG A 53 -13.65 22.69 22.64
C ARG A 53 -14.95 22.38 23.40
N LYS A 54 -14.85 22.29 24.73
CA LYS A 54 -15.97 21.98 25.65
C LYS A 54 -17.09 23.02 25.51
N SER A 55 -16.73 24.29 25.31
CA SER A 55 -17.66 25.46 25.35
C SER A 55 -18.52 25.49 24.09
N GLU A 56 -18.17 24.70 23.07
CA GLU A 56 -18.91 24.65 21.78
C GLU A 56 -19.73 23.36 21.71
N GLY A 57 -19.67 22.54 22.78
CA GLY A 57 -20.43 21.29 22.90
C GLY A 57 -19.61 20.05 22.55
N ALA A 58 -18.29 20.19 22.37
CA ALA A 58 -17.35 19.08 22.06
C ALA A 58 -17.79 18.33 20.79
N THR A 59 -18.15 19.08 19.75
CA THR A 59 -18.57 18.57 18.42
C THR A 59 -17.37 17.90 17.75
N THR A 60 -17.61 16.98 16.81
CA THR A 60 -16.56 16.23 16.06
C THR A 60 -16.92 16.04 14.58
N ASP A 61 -15.92 16.07 13.71
CA ASP A 61 -16.06 15.83 12.25
C ASP A 61 -14.89 14.94 11.78
N TYR A 62 -15.13 14.04 10.83
CA TYR A 62 -14.13 13.03 10.37
C TYR A 62 -14.03 13.04 8.84
N GLY A 63 -12.88 12.58 8.35
CA GLY A 63 -12.66 12.28 6.92
C GLY A 63 -13.48 11.07 6.50
N ALA A 64 -13.99 11.06 5.27
CA ALA A 64 -14.95 10.03 4.82
C ALA A 64 -14.40 8.63 5.04
N PRO A 65 -13.11 8.34 4.68
CA PRO A 65 -12.56 6.98 4.77
C PRO A 65 -12.57 6.47 6.22
N VAL A 66 -12.75 7.40 7.16
CA VAL A 66 -12.66 7.14 8.61
C VAL A 66 -14.06 7.10 9.21
N LYS A 67 -14.93 8.06 8.85
CA LYS A 67 -16.24 8.30 9.52
C LYS A 67 -16.99 6.99 9.70
N GLY A 68 -17.55 6.79 10.90
CA GLY A 68 -18.33 5.60 11.27
C GLY A 68 -17.48 4.50 11.88
N ARG A 69 -16.16 4.51 11.69
CA ARG A 69 -15.25 3.46 12.20
C ARG A 69 -14.38 3.99 13.34
N PHE A 70 -14.10 5.31 13.36
CA PHE A 70 -13.32 5.98 14.42
C PHE A 70 -14.22 6.95 15.18
N THR A 71 -13.98 7.12 16.48
CA THR A 71 -14.66 8.11 17.35
C THR A 71 -13.61 8.93 18.11
N LEU A 72 -13.63 10.25 17.95
CA LEU A 72 -12.62 11.16 18.56
C LEU A 72 -13.18 11.75 19.86
N SER A 73 -12.43 11.58 20.96
CA SER A 73 -12.86 11.90 22.35
C SER A 73 -11.88 12.90 22.96
N ARG A 74 -12.22 13.44 24.12
CA ARG A 74 -11.45 14.54 24.77
C ARG A 74 -11.41 14.32 26.28
N ASP A 75 -10.46 14.96 26.97
CA ASP A 75 -10.52 15.12 28.45
C ASP A 75 -9.54 16.22 28.90
N ASP A 76 -10.07 17.40 29.23
CA ASP A 76 -9.26 18.56 29.67
C ASP A 76 -8.78 18.33 31.11
N SER A 77 -9.58 17.67 31.97
CA SER A 77 -9.26 17.42 33.40
C SER A 77 -7.98 16.59 33.50
N LYS A 78 -7.75 15.71 32.53
CA LYS A 78 -6.53 14.89 32.42
C LYS A 78 -5.57 15.51 31.40
N ASN A 79 -6.02 16.54 30.67
CA ASN A 79 -5.17 17.38 29.79
C ASN A 79 -4.71 16.56 28.57
N THR A 80 -5.60 15.72 28.03
CA THR A 80 -5.30 14.81 26.89
C THR A 80 -6.49 14.70 25.94
N VAL A 81 -6.22 14.26 24.71
CA VAL A 81 -7.26 13.94 23.68
C VAL A 81 -7.09 12.48 23.32
N TYR A 82 -8.20 11.78 23.04
CA TYR A 82 -8.19 10.33 22.71
C TYR A 82 -8.74 10.12 21.30
N LEU A 83 -8.07 9.27 20.52
CA LEU A 83 -8.54 8.82 19.18
C LEU A 83 -8.83 7.33 19.26
N GLN A 84 -10.12 6.99 19.19
CA GLN A 84 -10.61 5.59 19.25
C GLN A 84 -10.81 5.09 17.82
N MET A 85 -10.26 3.92 17.53
CA MET A 85 -10.37 3.30 16.20
C MET A 85 -10.97 1.91 16.35
N ASN A 86 -12.17 1.73 15.81
CA ASN A 86 -13.02 0.54 16.07
C ASN A 86 -12.76 -0.47 14.96
N SER A 87 -13.28 -0.21 13.76
CA SER A 87 -13.20 -1.17 12.63
C SER A 87 -11.93 -0.87 11.86
N LEU A 88 -10.95 -1.75 11.95
CA LEU A 88 -9.60 -1.46 11.40
C LEU A 88 -9.30 -2.43 10.27
N LYS A 89 -8.48 -1.99 9.32
CA LYS A 89 -8.09 -2.75 8.11
C LYS A 89 -6.66 -2.40 7.72
N ILE A 90 -6.02 -3.26 6.93
CA ILE A 90 -4.62 -3.05 6.46
C ILE A 90 -4.48 -1.66 5.86
N ASP A 91 -5.52 -1.14 5.20
CA ASP A 91 -5.51 0.21 4.56
C ASP A 91 -5.32 1.31 5.62
N ASP A 92 -5.51 1.02 6.91
CA ASP A 92 -5.38 2.03 8.00
C ASP A 92 -3.93 2.12 8.55
N THR A 93 -3.08 1.15 8.24
CA THR A 93 -1.64 1.22 8.68
C THR A 93 -1.16 2.63 8.39
N ALA A 94 -0.62 3.34 9.36
CA ALA A 94 -0.14 4.72 9.14
C ALA A 94 0.52 5.29 10.39
N VAL A 95 1.24 6.40 10.17
CA VAL A 95 1.67 7.32 11.24
C VAL A 95 0.51 8.28 11.50
N TYR A 96 0.10 8.37 12.78
CA TYR A 96 -1.02 9.21 13.24
C TYR A 96 -0.46 10.41 13.98
N TYR A 97 -0.61 11.59 13.39
CA TYR A 97 -0.10 12.85 13.98
C TYR A 97 -1.22 13.53 14.75
N CYS A 98 -0.99 13.72 16.05
CA CYS A 98 -1.83 14.58 16.93
C CYS A 98 -1.49 16.01 16.56
N SER A 99 -2.49 16.85 16.46
CA SER A 99 -2.28 18.24 16.04
C SER A 99 -3.37 19.12 16.64
N THR A 100 -3.06 20.40 16.78
CA THR A 100 -4.03 21.44 17.18
C THR A 100 -4.62 22.03 15.92
N LEU A 101 -5.90 22.41 15.97
CA LEU A 101 -6.58 23.15 14.86
C LEU A 101 -6.93 24.55 15.38
N THR A 102 -6.66 25.58 14.57
CA THR A 102 -6.87 26.99 14.96
C THR A 102 -7.36 27.81 13.77
N ARG A 103 -8.02 28.94 14.06
CA ARG A 103 -8.44 29.95 13.05
C ARG A 103 -7.58 31.21 13.19
N TYR A 113 -6.24 26.18 9.87
CA TYR A 113 -4.91 25.56 9.65
C TYR A 113 -4.46 24.83 10.92
N PHE A 114 -3.33 24.11 10.84
CA PHE A 114 -2.77 23.31 11.96
C PHE A 114 -1.46 23.94 12.45
N ASP A 115 -1.51 24.63 13.60
CA ASP A 115 -0.34 25.40 14.14
C ASP A 115 0.68 24.41 14.73
N TYR A 116 0.29 23.62 15.73
CA TYR A 116 1.20 22.71 16.47
C TYR A 116 0.96 21.25 16.05
N TRP A 117 2.07 20.51 15.91
CA TRP A 117 2.10 19.09 15.46
C TRP A 117 2.82 18.22 16.50
N GLY A 118 2.30 17.01 16.73
CA GLY A 118 2.94 16.01 17.60
C GLY A 118 3.96 15.20 16.84
N GLN A 119 4.71 14.38 17.56
CA GLN A 119 5.84 13.58 16.98
C GLN A 119 5.28 12.45 16.10
N GLY A 120 4.07 11.99 16.36
CA GLY A 120 3.37 11.01 15.50
C GLY A 120 3.52 9.59 16.00
N ALA A 121 2.41 8.87 16.18
CA ALA A 121 2.42 7.46 16.65
C ALA A 121 2.16 6.56 15.46
N LEU A 122 2.82 5.39 15.41
CA LEU A 122 2.68 4.47 14.25
C LEU A 122 1.74 3.32 14.62
N VAL A 123 0.64 3.24 13.89
CA VAL A 123 -0.34 2.13 14.02
C VAL A 123 -0.13 1.22 12.82
N THR A 124 0.23 -0.05 13.06
CA THR A 124 0.45 -1.06 12.01
C THR A 124 -0.67 -2.10 12.09
N VAL A 125 -1.74 -1.90 11.35
CA VAL A 125 -2.84 -2.90 11.28
C VAL A 125 -2.34 -4.06 10.41
N SER A 126 -2.30 -5.27 10.97
CA SER A 126 -1.74 -6.45 10.30
C SER A 126 -2.13 -7.71 11.04
N SER A 127 -2.35 -8.80 10.31
CA SER A 127 -2.69 -10.11 10.90
C SER A 127 -1.43 -10.75 11.48
N ALA A 128 -0.24 -10.27 11.12
CA ALA A 128 1.05 -10.78 11.62
C ALA A 128 1.13 -10.54 13.13
N SER A 129 1.93 -11.36 13.81
CA SER A 129 2.10 -11.25 15.28
C SER A 129 3.25 -10.28 15.61
N THR A 130 3.14 -9.63 16.77
CA THR A 130 4.19 -8.76 17.37
C THR A 130 5.42 -9.63 17.66
N LYS A 131 6.63 -9.13 17.36
CA LYS A 131 7.89 -9.84 17.72
C LYS A 131 8.95 -8.84 18.22
N GLY A 132 9.44 -9.05 19.45
CA GLY A 132 10.56 -8.30 20.02
C GLY A 132 11.86 -8.69 19.33
N PRO A 133 12.79 -7.73 19.22
CA PRO A 133 14.05 -7.90 18.49
C PRO A 133 15.06 -8.81 19.17
N SER A 134 15.93 -9.45 18.39
CA SER A 134 17.20 -10.06 18.85
C SER A 134 18.32 -9.05 18.66
N VAL A 135 19.15 -8.84 19.67
CA VAL A 135 20.13 -7.73 19.64
C VAL A 135 21.52 -8.29 19.85
N PHE A 136 22.40 -8.08 18.88
CA PHE A 136 23.79 -8.56 18.92
C PHE A 136 24.72 -7.37 18.82
N PRO A 137 25.90 -7.46 19.47
CA PRO A 137 26.90 -6.41 19.42
C PRO A 137 27.70 -6.59 18.13
N LEU A 138 27.98 -5.48 17.46
CA LEU A 138 28.88 -5.46 16.29
C LEU A 138 30.26 -4.98 16.77
N ALA A 139 31.18 -5.94 16.91
CA ALA A 139 32.47 -5.69 17.58
C ALA A 139 33.21 -4.57 16.86
N PRO A 140 33.89 -3.69 17.65
CA PRO A 140 34.69 -2.59 17.13
C PRO A 140 35.83 -3.11 16.24
N SER A 141 36.03 -2.46 15.10
CA SER A 141 37.02 -2.90 14.09
C SER A 141 37.54 -1.71 13.29
N SER A 142 38.86 -1.67 13.07
CA SER A 142 39.54 -0.67 12.22
C SER A 142 39.27 -1.02 10.75
N LYS A 143 39.00 -2.29 10.47
CA LYS A 143 38.90 -2.84 9.11
C LYS A 143 37.44 -2.93 8.68
N SER A 144 36.52 -2.42 9.49
CA SER A 144 35.08 -2.52 9.16
C SER A 144 34.68 -1.40 8.19
N THR A 145 35.43 -0.30 8.19
CA THR A 145 35.02 0.92 7.44
C THR A 145 35.89 1.14 6.21
N SER A 146 35.25 1.70 5.19
CA SER A 146 35.88 2.16 3.95
C SER A 146 36.78 3.34 4.32
N GLY A 147 36.29 4.19 5.23
CA GLY A 147 36.97 5.42 5.69
C GLY A 147 38.11 5.11 6.65
N GLY A 148 38.59 6.14 7.33
CA GLY A 148 39.84 6.10 8.09
C GLY A 148 39.68 5.37 9.39
N THR A 149 38.67 5.74 10.17
CA THR A 149 38.58 5.36 11.60
C THR A 149 37.86 4.03 11.75
N ALA A 150 37.97 3.46 12.94
CA ALA A 150 37.23 2.24 13.35
C ALA A 150 35.77 2.60 13.60
N ALA A 151 34.93 1.57 13.71
CA ALA A 151 33.51 1.69 14.08
C ALA A 151 33.06 0.43 14.82
N LEU A 152 32.04 0.62 15.62
CA LEU A 152 31.37 -0.46 16.38
C LEU A 152 29.87 -0.14 16.31
N GLY A 153 29.04 -1.11 16.61
CA GLY A 153 27.62 -0.82 16.70
C GLY A 153 26.92 -2.02 17.25
N CYS A 154 25.60 -2.03 17.12
CA CYS A 154 24.78 -3.19 17.49
C CYS A 154 23.71 -3.39 16.43
N LEU A 155 23.30 -4.65 16.27
CA LEU A 155 22.35 -5.11 15.23
C LEU A 155 21.03 -5.48 15.89
N VAL A 156 19.98 -4.82 15.43
CA VAL A 156 18.59 -5.02 15.94
C VAL A 156 17.85 -5.89 14.90
N LYS A 157 17.73 -7.18 15.17
CA LYS A 157 17.35 -8.16 14.11
C LYS A 157 16.04 -8.88 14.44
N ASP A 158 15.19 -9.02 13.41
CA ASP A 158 13.98 -9.86 13.40
C ASP A 158 12.97 -9.31 14.40
N TYR A 159 12.43 -8.13 14.14
CA TYR A 159 11.37 -7.56 15.00
C TYR A 159 10.17 -7.13 14.14
N PHE A 160 9.03 -6.99 14.80
CA PHE A 160 7.78 -6.54 14.15
C PHE A 160 6.86 -5.99 15.22
N PRO A 161 6.10 -4.91 14.95
CA PRO A 161 6.26 -4.08 13.77
C PRO A 161 7.27 -2.97 14.10
N GLU A 162 7.39 -1.98 13.22
CA GLU A 162 8.09 -0.71 13.52
C GLU A 162 7.30 -0.01 14.62
N PRO A 163 7.85 1.01 15.29
CA PRO A 163 9.27 1.37 15.23
C PRO A 163 10.07 0.77 16.38
N VAL A 164 11.39 0.72 16.21
CA VAL A 164 12.37 0.64 17.34
C VAL A 164 13.18 1.93 17.33
N THR A 165 13.55 2.37 18.51
CA THR A 165 14.37 3.58 18.70
C THR A 165 15.69 3.12 19.30
N VAL A 166 16.77 3.86 19.08
CA VAL A 166 18.11 3.47 19.62
C VAL A 166 18.82 4.70 20.20
N SER A 167 19.35 4.51 21.40
CA SER A 167 20.27 5.46 22.08
C SER A 167 21.58 4.75 22.38
N TRP A 168 22.56 5.50 22.83
CA TRP A 168 23.79 4.89 23.37
C TRP A 168 24.06 5.46 24.76
N ASN A 169 24.54 4.60 25.64
CA ASN A 169 24.87 4.99 27.03
C ASN A 169 23.72 5.81 27.61
N SER A 170 22.49 5.36 27.38
CA SER A 170 21.24 5.94 27.93
C SER A 170 21.11 7.39 27.49
N GLY A 171 21.55 7.71 26.27
CA GLY A 171 21.41 9.05 25.66
C GLY A 171 22.65 9.90 25.84
N ALA A 172 23.59 9.46 26.69
CA ALA A 172 24.81 10.19 27.03
C ALA A 172 25.71 10.30 25.80
N LEU A 173 25.70 9.26 24.94
CA LEU A 173 26.58 9.22 23.74
C LEU A 173 25.72 9.50 22.51
N THR A 174 26.07 10.55 21.77
CA THR A 174 25.29 11.03 20.58
C THR A 174 26.19 11.39 19.39
N SER A 175 27.45 11.78 19.61
CA SER A 175 28.26 12.45 18.55
C SER A 175 28.58 11.46 17.41
N GLY A 176 29.15 10.30 17.76
CA GLY A 176 29.62 9.34 16.75
C GLY A 176 28.48 8.52 16.17
N VAL A 177 27.25 8.75 16.62
CA VAL A 177 26.12 7.78 16.49
C VAL A 177 25.43 7.99 15.15
N HIS A 178 25.29 6.91 14.40
CA HIS A 178 24.52 6.87 13.12
C HIS A 178 23.55 5.68 13.15
N THR A 179 22.26 5.97 13.33
CA THR A 179 21.21 4.94 13.34
C THR A 179 20.57 4.94 11.95
N PHE A 180 20.59 3.77 11.29
CA PHE A 180 20.08 3.57 9.90
C PHE A 180 18.59 3.25 9.92
N PRO A 181 17.87 3.59 8.83
CA PRO A 181 16.51 3.11 8.60
C PRO A 181 16.49 1.58 8.56
N ALA A 182 15.35 0.98 8.92
CA ALA A 182 15.16 -0.48 8.98
C ALA A 182 14.97 -1.03 7.58
N VAL A 183 15.36 -2.28 7.40
CA VAL A 183 15.05 -3.05 6.18
C VAL A 183 13.81 -3.88 6.50
N LEU A 184 12.85 -4.00 5.59
CA LEU A 184 11.80 -5.02 5.73
C LEU A 184 12.26 -6.28 4.99
N GLN A 185 12.37 -7.39 5.69
CA GLN A 185 12.92 -8.65 5.16
C GLN A 185 11.78 -9.42 4.50
N SER A 186 12.13 -10.33 3.60
CA SER A 186 11.17 -11.25 2.94
C SER A 186 10.48 -12.08 4.02
N SER A 187 11.16 -12.28 5.15
CA SER A 187 10.64 -13.04 6.31
C SER A 187 9.42 -12.34 6.92
N GLY A 188 9.18 -11.07 6.57
CA GLY A 188 8.08 -10.25 7.14
C GLY A 188 8.51 -9.61 8.44
N LEU A 189 9.81 -9.62 8.72
CA LEU A 189 10.38 -9.04 9.95
C LEU A 189 11.34 -7.92 9.59
N TYR A 190 11.51 -6.95 10.48
CA TYR A 190 12.42 -5.81 10.29
C TYR A 190 13.80 -6.05 10.94
N SER A 191 14.84 -5.44 10.36
CA SER A 191 16.21 -5.40 10.93
C SER A 191 16.82 -4.01 10.76
N LEU A 192 17.52 -3.55 11.79
CA LEU A 192 18.02 -2.17 11.95
C LEU A 192 19.45 -2.24 12.48
N SER A 193 20.27 -1.26 12.13
CA SER A 193 21.64 -1.18 12.68
C SER A 193 21.93 0.25 13.14
N SER A 194 22.61 0.36 14.26
CA SER A 194 23.14 1.64 14.76
C SER A 194 24.64 1.48 14.94
N VAL A 195 25.38 2.32 14.26
CA VAL A 195 26.86 2.26 14.26
C VAL A 195 27.33 3.52 14.95
N VAL A 196 28.49 3.40 15.59
CA VAL A 196 29.17 4.53 16.29
C VAL A 196 30.60 4.59 15.77
N THR A 197 31.03 5.75 15.30
CA THR A 197 32.44 5.99 14.92
C THR A 197 33.26 6.11 16.21
N VAL A 198 34.47 5.56 16.22
CA VAL A 198 35.29 5.39 17.45
C VAL A 198 36.77 5.41 17.09
N PRO A 199 37.66 5.94 17.96
CA PRO A 199 39.11 5.97 17.71
C PRO A 199 39.81 4.70 17.22
N SER A 200 39.68 3.55 17.92
CA SER A 200 40.44 2.33 17.55
C SER A 200 39.70 1.04 17.88
N SER A 201 40.19 -0.07 17.33
CA SER A 201 39.65 -1.44 17.48
C SER A 201 39.64 -1.89 18.95
N SER A 202 40.54 -1.37 19.78
CA SER A 202 40.55 -1.59 21.25
C SER A 202 39.90 -0.38 21.90
N LEU A 203 39.11 -0.57 22.96
CA LEU A 203 38.34 0.54 23.58
C LEU A 203 38.32 0.43 25.10
N GLY A 204 39.31 -0.20 25.72
CA GLY A 204 39.36 -0.34 27.18
C GLY A 204 38.94 0.96 27.84
N THR A 205 38.17 0.87 28.93
CA THR A 205 37.78 1.98 29.85
C THR A 205 36.60 2.79 29.28
N GLN A 206 36.34 2.71 27.98
CA GLN A 206 35.15 3.36 27.38
C GLN A 206 34.01 2.35 27.38
N THR A 207 32.81 2.78 27.75
CA THR A 207 31.61 1.93 27.77
C THR A 207 30.71 2.28 26.58
N TYR A 208 30.30 1.28 25.80
CA TYR A 208 29.39 1.49 24.65
C TYR A 208 28.19 0.54 24.74
N ILE A 209 27.07 1.06 25.24
CA ILE A 209 25.83 0.28 25.43
C ILE A 209 24.72 0.88 24.58
N CYS A 210 24.17 0.10 23.66
CA CYS A 210 23.07 0.60 22.81
C CYS A 210 21.74 0.24 23.46
N ASN A 211 20.84 1.21 23.51
CA ASN A 211 19.53 1.07 24.18
C ASN A 211 18.48 0.91 23.10
N VAL A 212 18.04 -0.32 22.91
CA VAL A 212 17.01 -0.66 21.91
C VAL A 212 15.66 -0.60 22.62
N ASN A 213 14.74 0.20 22.08
CA ASN A 213 13.39 0.38 22.66
C ASN A 213 12.35 0.05 21.58
N HIS A 214 11.78 -1.15 21.66
CA HIS A 214 10.70 -1.63 20.76
C HIS A 214 9.33 -1.49 21.45
N LYS A 215 8.80 -0.28 21.52
CA LYS A 215 7.59 0.03 22.32
C LYS A 215 6.44 -0.90 21.94
N PRO A 216 6.18 -1.13 20.62
CA PRO A 216 5.11 -2.02 20.18
C PRO A 216 5.04 -3.40 20.84
N SER A 217 6.17 -3.94 21.30
CA SER A 217 6.26 -5.26 21.98
C SER A 217 6.65 -5.06 23.44
N ASN A 218 6.45 -3.86 23.98
CA ASN A 218 6.85 -3.54 25.36
C ASN A 218 8.20 -4.20 25.67
N THR A 219 9.16 -4.16 24.75
CA THR A 219 10.51 -4.71 24.97
C THR A 219 11.57 -3.62 24.85
N LYS A 220 12.60 -3.73 25.67
CA LYS A 220 13.73 -2.79 25.71
C LYS A 220 14.94 -3.65 25.98
N VAL A 221 16.03 -3.41 25.25
CA VAL A 221 17.28 -4.19 25.41
C VAL A 221 18.43 -3.21 25.50
N ASP A 222 19.29 -3.39 26.49
CA ASP A 222 20.52 -2.58 26.66
C ASP A 222 21.69 -3.51 26.40
N LYS A 223 22.37 -3.33 25.27
CA LYS A 223 23.42 -4.26 24.83
C LYS A 223 24.78 -3.55 24.87
N ARG A 224 25.75 -4.11 25.59
CA ARG A 224 27.11 -3.52 25.67
C ARG A 224 27.94 -4.21 24.59
N VAL A 225 28.76 -3.42 23.90
CA VAL A 225 29.59 -3.92 22.79
C VAL A 225 31.02 -4.04 23.29
N GLU A 226 31.57 -5.24 23.19
CA GLU A 226 32.95 -5.50 23.67
C GLU A 226 33.83 -5.92 22.51
N PRO A 227 35.16 -5.71 22.66
CA PRO A 227 36.14 -6.15 21.67
C PRO A 227 36.00 -7.64 21.33
N LYS A 228 36.30 -8.01 20.09
CA LYS A 228 36.30 -9.43 19.68
C LYS A 228 37.59 -10.08 20.16
N SER A 229 37.51 -11.30 20.68
CA SER A 229 38.66 -12.12 21.14
C SER A 229 39.68 -12.34 19.99
N ALA B 3 -11.01 17.41 -3.40
CA ALA B 3 -9.80 17.01 -4.19
C ALA B 3 -8.91 18.24 -4.43
N LEU B 4 -7.61 18.13 -4.12
CA LEU B 4 -6.57 19.16 -4.45
C LEU B 4 -5.41 18.47 -5.15
N THR B 5 -4.93 19.05 -6.25
CA THR B 5 -3.85 18.47 -7.10
C THR B 5 -2.64 19.41 -7.12
N GLN B 6 -1.44 18.82 -7.03
CA GLN B 6 -0.14 19.54 -7.05
C GLN B 6 0.92 18.66 -7.74
N PRO B 7 1.95 19.29 -8.33
CA PRO B 7 2.95 18.59 -9.15
C PRO B 7 3.80 17.64 -8.30
N ALA B 8 3.95 16.39 -8.76
CA ALA B 8 4.67 15.32 -8.03
C ALA B 8 6.07 15.81 -7.67
N SER B 9 6.74 16.48 -8.60
CA SER B 9 8.17 16.85 -8.46
C SER B 9 8.39 18.24 -9.06
N VAL B 10 9.11 19.09 -8.34
CA VAL B 10 9.44 20.47 -8.81
C VAL B 10 10.91 20.75 -8.54
N SER B 11 11.75 20.57 -9.56
CA SER B 11 13.22 20.76 -9.46
C SER B 11 13.55 22.25 -9.43
N GLY B 12 14.73 22.59 -8.91
CA GLY B 12 15.27 23.96 -8.90
C GLY B 12 16.71 24.00 -8.42
N SER B 13 17.50 24.92 -8.96
CA SER B 13 18.93 25.13 -8.62
C SER B 13 19.06 25.99 -7.37
N PRO B 14 20.19 25.91 -6.65
CA PRO B 14 20.44 26.71 -5.46
C PRO B 14 20.39 28.21 -5.79
N GLY B 15 20.08 29.03 -4.79
CA GLY B 15 20.10 30.50 -4.90
C GLY B 15 18.88 31.08 -5.61
N GLN B 16 18.15 30.29 -6.42
CA GLN B 16 17.04 30.84 -7.25
C GLN B 16 15.69 30.68 -6.53
N SER B 17 14.63 31.13 -7.20
CA SER B 17 13.22 31.06 -6.71
C SER B 17 12.44 30.02 -7.52
N ILE B 18 11.57 29.25 -6.86
CA ILE B 18 10.78 28.15 -7.49
C ILE B 18 9.33 28.20 -7.02
N THR B 19 8.40 27.70 -7.84
CA THR B 19 6.94 27.73 -7.55
C THR B 19 6.34 26.32 -7.56
N ILE B 20 5.52 26.02 -6.55
CA ILE B 20 4.67 24.78 -6.45
C ILE B 20 3.22 25.24 -6.54
N SER B 21 2.40 24.56 -7.33
CA SER B 21 0.97 24.93 -7.51
C SER B 21 0.08 23.92 -6.78
N CYS B 22 -0.88 24.43 -6.01
CA CYS B 22 -2.01 23.67 -5.41
C CYS B 22 -3.27 24.04 -6.19
N THR B 23 -3.79 23.09 -6.97
CA THR B 23 -4.89 23.34 -7.93
C THR B 23 -6.20 22.77 -7.37
N GLY B 24 -7.21 23.62 -7.19
CA GLY B 24 -8.53 23.23 -6.70
C GLY B 24 -9.60 23.47 -7.76
N THR B 25 -10.84 23.61 -7.32
CA THR B 25 -12.03 23.82 -8.19
C THR B 25 -12.70 25.14 -7.81
N SER B 26 -13.51 25.68 -8.73
CA SER B 26 -14.18 26.99 -8.60
C SER B 26 -15.15 27.01 -7.41
N SER B 27 -15.85 25.88 -7.16
CA SER B 27 -16.90 25.76 -6.13
C SER B 27 -16.28 25.57 -4.73
N ASP B 28 -14.95 25.52 -4.62
CA ASP B 28 -14.20 25.40 -3.35
C ASP B 28 -13.22 26.57 -3.20
N VAL B 29 -12.10 26.56 -3.93
CA VAL B 29 -10.99 27.55 -3.80
C VAL B 29 -11.38 28.87 -4.49
N GLY B 30 -12.04 28.78 -5.66
CA GLY B 30 -12.52 29.93 -6.44
C GLY B 30 -13.47 30.79 -5.63
N THR B 31 -14.56 30.20 -5.13
CA THR B 31 -15.64 30.91 -4.38
C THR B 31 -15.08 31.42 -3.04
N TYR B 32 -14.43 30.56 -2.24
CA TYR B 32 -13.93 30.92 -0.89
C TYR B 32 -12.43 30.62 -0.83
N ASP B 33 -11.61 31.67 -0.92
CA ASP B 33 -10.15 31.59 -1.12
C ASP B 33 -9.43 31.56 0.25
N LEU B 34 -9.23 30.37 0.81
CA LEU B 34 -8.30 30.12 1.94
C LEU B 34 -7.60 28.78 1.73
N VAL B 35 -6.35 28.68 2.19
CA VAL B 35 -5.50 27.46 2.06
C VAL B 35 -4.32 27.61 3.02
N SER B 36 -3.76 26.47 3.46
CA SER B 36 -2.54 26.46 4.31
C SER B 36 -1.51 25.49 3.72
N TRP B 37 -0.23 25.80 3.92
CA TRP B 37 0.90 25.04 3.32
C TRP B 37 1.82 24.47 4.40
N TYR B 38 2.29 23.25 4.18
CA TYR B 38 3.08 22.48 5.17
C TYR B 38 4.38 21.91 4.57
N GLN B 39 5.40 21.86 5.43
CA GLN B 39 6.74 21.31 5.13
C GLN B 39 6.97 20.05 5.97
N GLN B 40 7.34 18.95 5.32
CA GLN B 40 7.64 17.68 6.02
C GLN B 40 9.01 17.16 5.55
N HIS B 41 10.03 17.34 6.37
CA HIS B 41 11.35 16.72 6.13
C HIS B 41 11.23 15.23 6.37
N PRO B 42 12.13 14.41 5.76
CA PRO B 42 12.06 12.94 5.82
C PRO B 42 12.04 12.33 7.22
N GLY B 43 11.01 11.54 7.54
CA GLY B 43 10.82 10.90 8.84
C GLY B 43 10.68 11.91 9.98
N LYS B 44 9.83 12.92 9.80
CA LYS B 44 9.70 14.05 10.76
C LYS B 44 8.28 14.62 10.66
N SER B 45 7.86 15.31 11.71
CA SER B 45 6.54 16.00 11.80
C SER B 45 6.41 17.06 10.72
N PRO B 46 5.23 17.18 10.07
CA PRO B 46 4.91 18.31 9.21
C PRO B 46 5.01 19.62 9.99
N LYS B 47 5.30 20.72 9.30
CA LYS B 47 5.38 22.06 9.93
C LYS B 47 4.57 23.07 9.11
N LEU B 48 3.88 23.97 9.81
CA LEU B 48 3.11 25.08 9.16
C LEU B 48 4.11 26.13 8.69
N MET B 49 4.19 26.34 7.38
CA MET B 49 5.07 27.38 6.80
C MET B 49 4.26 28.67 6.62
N ILE B 50 3.18 28.61 5.83
CA ILE B 50 2.27 29.76 5.60
C ILE B 50 0.83 29.30 5.76
N TYR B 51 -0.07 30.24 6.06
CA TYR B 51 -1.51 29.98 6.27
C TYR B 51 -2.31 31.16 5.73
N ALA B 52 -3.62 30.93 5.58
CA ALA B 52 -4.57 31.95 5.08
C ALA B 52 -3.95 32.60 3.83
N ASP B 53 -3.32 31.78 2.98
CA ASP B 53 -2.72 32.19 1.67
C ASP B 53 -1.44 32.99 1.87
N ILE B 54 -1.47 34.02 2.73
CA ILE B 54 -0.44 35.11 2.72
C ILE B 54 0.43 35.03 3.97
N LYS B 55 -0.16 34.86 5.15
CA LYS B 55 0.55 35.20 6.42
C LYS B 55 1.55 34.09 6.76
N ARG B 56 2.23 34.24 7.90
CA ARG B 56 3.41 33.43 8.28
C ARG B 56 3.83 33.77 9.70
N PRO B 57 3.96 32.76 10.59
CA PRO B 57 4.48 32.94 11.95
C PRO B 57 5.92 33.46 12.01
N SER B 58 6.29 34.17 13.10
CA SER B 58 7.63 34.77 13.31
C SER B 58 8.68 33.67 13.58
N GLY B 59 8.25 32.42 13.76
CA GLY B 59 9.13 31.26 13.93
C GLY B 59 9.38 30.54 12.60
N VAL B 60 9.01 31.15 11.47
CA VAL B 60 9.16 30.58 10.10
C VAL B 60 10.14 31.44 9.30
N SER B 61 10.97 30.83 8.43
CA SER B 61 11.90 31.53 7.52
C SER B 61 11.10 32.32 6.46
N HIS B 62 11.52 33.56 6.20
CA HIS B 62 10.76 34.57 5.43
C HIS B 62 10.71 34.23 3.94
N ARG B 63 11.54 33.29 3.47
CA ARG B 63 11.68 32.99 2.02
C ARG B 63 10.43 32.27 1.50
N PHE B 64 9.51 31.87 2.38
CA PHE B 64 8.26 31.17 1.96
C PHE B 64 7.11 32.17 1.87
N SER B 65 6.39 32.15 0.75
CA SER B 65 5.28 33.09 0.48
C SER B 65 4.22 32.40 -0.36
N GLY B 66 2.96 32.82 -0.20
CA GLY B 66 1.81 32.24 -0.92
C GLY B 66 1.08 33.29 -1.73
N SER B 67 0.70 32.93 -2.97
CA SER B 67 -0.12 33.75 -3.88
C SER B 67 -1.23 32.86 -4.41
N LYS B 68 -2.10 33.40 -5.27
CA LYS B 68 -3.16 32.55 -5.87
C LYS B 68 -3.89 33.27 -7.01
N SER B 69 -4.49 32.43 -7.85
CA SER B 69 -5.50 32.79 -8.87
C SER B 69 -6.86 32.30 -8.37
N GLY B 70 -7.88 32.27 -9.23
CA GLY B 70 -9.21 31.77 -8.87
C GLY B 70 -9.16 30.36 -8.32
N ASN B 71 -8.86 29.38 -9.16
CA ASN B 71 -8.95 27.93 -8.83
C ASN B 71 -7.73 27.49 -8.02
N THR B 72 -6.55 28.04 -8.32
CA THR B 72 -5.25 27.48 -7.86
C THR B 72 -4.52 28.48 -6.96
N ALA B 73 -4.09 28.02 -5.80
CA ALA B 73 -3.17 28.77 -4.92
C ALA B 73 -1.79 28.12 -5.05
N SER B 74 -0.73 28.92 -4.99
CA SER B 74 0.64 28.39 -5.24
C SER B 74 1.62 28.93 -4.19
N LEU B 75 2.58 28.07 -3.85
CA LEU B 75 3.67 28.36 -2.88
C LEU B 75 4.95 28.67 -3.66
N THR B 76 5.57 29.79 -3.34
CA THR B 76 6.86 30.17 -3.98
C THR B 76 7.94 30.27 -2.90
N ILE B 77 9.08 29.68 -3.22
CA ILE B 77 10.30 29.66 -2.36
C ILE B 77 11.34 30.53 -3.04
N SER B 78 11.92 31.49 -2.33
CA SER B 78 12.99 32.37 -2.87
C SER B 78 14.32 32.00 -2.20
N GLY B 79 15.39 31.94 -3.00
CA GLY B 79 16.76 31.70 -2.50
C GLY B 79 16.91 30.28 -1.99
N LEU B 80 16.73 29.29 -2.88
CA LEU B 80 16.74 27.86 -2.50
C LEU B 80 18.07 27.46 -1.84
N GLN B 81 17.98 26.55 -0.88
CA GLN B 81 19.14 25.93 -0.19
C GLN B 81 18.87 24.44 0.00
N SER B 82 19.85 23.71 0.53
CA SER B 82 19.78 22.25 0.80
C SER B 82 18.63 21.99 1.79
N ALA B 83 18.49 22.83 2.81
CA ALA B 83 17.57 22.61 3.95
C ALA B 83 16.11 22.76 3.49
N ASP B 84 15.88 23.25 2.28
CA ASP B 84 14.51 23.38 1.74
C ASP B 84 14.04 22.01 1.23
N GLU B 85 14.92 21.01 1.17
CA GLU B 85 14.59 19.72 0.52
C GLU B 85 13.68 18.93 1.45
N ALA B 86 12.40 18.85 1.08
CA ALA B 86 11.31 18.26 1.88
C ALA B 86 10.10 17.99 0.98
N ASP B 87 9.10 17.29 1.52
CA ASP B 87 7.77 17.15 0.90
C ASP B 87 6.95 18.39 1.26
N TYR B 88 6.13 18.87 0.34
CA TYR B 88 5.28 20.08 0.56
C TYR B 88 3.81 19.77 0.25
N TYR B 89 2.95 20.12 1.19
CA TYR B 89 1.48 19.82 1.14
C TYR B 89 0.70 21.11 1.24
N CYS B 90 -0.49 21.11 0.64
CA CYS B 90 -1.54 22.15 0.78
C CYS B 90 -2.85 21.52 1.25
N CYS B 91 -3.61 22.22 2.08
CA CYS B 91 -4.93 21.72 2.55
C CYS B 91 -5.94 22.86 2.72
N LEU B 92 -7.21 22.47 2.84
CA LEU B 92 -8.37 23.39 2.93
C LEU B 92 -9.44 22.79 3.84
N TYR B 93 -10.02 23.62 4.72
CA TYR B 93 -11.20 23.27 5.57
C TYR B 93 -12.25 24.37 5.47
N ALA B 94 -13.50 23.97 5.20
CA ALA B 94 -14.69 24.86 5.15
C ALA B 94 -15.21 25.07 6.58
N GLY B 95 -16.52 25.27 6.75
CA GLY B 95 -17.13 25.62 8.05
C GLY B 95 -17.34 24.40 8.92
N SER B 96 -18.48 24.32 9.59
CA SER B 96 -18.87 23.17 10.44
C SER B 96 -19.59 22.13 9.58
N SER B 97 -19.59 20.87 10.04
CA SER B 97 -20.27 19.72 9.38
C SER B 97 -19.66 19.47 8.00
N THR B 98 -18.33 19.61 7.88
CA THR B 98 -17.58 19.44 6.61
C THR B 98 -16.31 18.64 6.88
N SER B 99 -15.34 18.71 5.97
CA SER B 99 -14.11 17.88 6.01
C SER B 99 -12.91 18.62 5.41
N VAL B 100 -11.72 18.28 5.90
CA VAL B 100 -10.42 18.84 5.45
C VAL B 100 -9.98 18.09 4.20
N ILE B 101 -9.55 18.83 3.19
CA ILE B 101 -9.00 18.24 1.94
C ILE B 101 -7.51 18.56 1.88
N PHE B 102 -6.69 17.54 1.61
CA PHE B 102 -5.21 17.64 1.51
C PHE B 102 -4.78 17.42 0.06
N GLY B 103 -3.68 18.07 -0.34
CA GLY B 103 -3.00 17.82 -1.62
C GLY B 103 -2.21 16.52 -1.61
N GLY B 104 -1.56 16.19 -2.72
CA GLY B 104 -0.86 14.91 -2.93
C GLY B 104 0.52 14.90 -2.29
N GLY B 105 1.17 16.06 -2.22
CA GLY B 105 2.55 16.21 -1.73
C GLY B 105 3.57 16.29 -2.87
N THR B 106 4.46 17.29 -2.82
CA THR B 106 5.46 17.60 -3.87
C THR B 106 6.88 17.63 -3.27
N LYS B 107 7.91 17.38 -4.10
CA LYS B 107 9.33 17.39 -3.63
C LYS B 107 10.13 18.49 -4.31
N VAL B 108 11.21 18.94 -3.65
CA VAL B 108 12.19 19.90 -4.23
C VAL B 108 13.58 19.27 -4.18
N THR B 109 14.63 19.94 -4.71
CA THR B 109 15.94 19.29 -5.04
C THR B 109 17.15 20.24 -4.97
N GLY B 110 18.36 19.66 -4.94
CA GLY B 110 19.68 20.33 -4.98
C GLY B 110 20.58 19.70 -6.05
N GLN B 111 21.84 20.13 -6.20
CA GLN B 111 22.72 19.71 -7.33
C GLN B 111 24.21 19.53 -6.95
N PRO B 112 24.55 18.86 -5.82
CA PRO B 112 25.94 18.48 -5.48
C PRO B 112 26.43 17.16 -6.11
N LYS B 113 27.44 16.49 -5.51
CA LYS B 113 27.80 15.06 -5.83
C LYS B 113 28.79 14.49 -4.81
N ALA B 114 28.63 13.22 -4.42
CA ALA B 114 29.43 12.54 -3.37
C ALA B 114 29.40 11.01 -3.47
N ALA B 115 30.52 10.38 -3.12
CA ALA B 115 30.73 8.91 -3.11
C ALA B 115 30.55 8.34 -1.71
N PRO B 116 29.98 7.11 -1.65
CA PRO B 116 29.56 6.51 -0.38
C PRO B 116 30.71 6.06 0.51
N SER B 117 30.50 6.14 1.83
CA SER B 117 31.31 5.47 2.88
C SER B 117 30.65 4.13 3.20
N VAL B 118 31.41 3.05 3.26
CA VAL B 118 30.78 1.71 3.46
C VAL B 118 31.35 1.06 4.71
N THR B 119 30.48 0.65 5.63
CA THR B 119 30.86 -0.09 6.86
C THR B 119 30.34 -1.54 6.78
N LEU B 120 31.16 -2.52 7.13
CA LEU B 120 30.77 -3.95 7.01
C LEU B 120 31.23 -4.74 8.23
N PHE B 121 30.30 -5.36 8.93
CA PHE B 121 30.62 -6.22 10.06
C PHE B 121 30.24 -7.66 9.76
N PRO B 122 31.06 -8.61 10.23
CA PRO B 122 30.74 -10.04 10.19
C PRO B 122 29.66 -10.33 11.22
N PRO B 123 29.24 -11.61 11.34
CA PRO B 123 28.30 -12.04 12.37
C PRO B 123 28.97 -11.97 13.74
N SER B 124 28.19 -11.52 14.74
CA SER B 124 28.69 -11.36 16.12
C SER B 124 28.98 -12.76 16.66
N SER B 125 29.81 -12.83 17.69
CA SER B 125 30.12 -14.08 18.42
C SER B 125 28.80 -14.63 18.97
N GLU B 126 27.97 -13.77 19.53
CA GLU B 126 26.70 -14.18 20.15
C GLU B 126 25.77 -14.81 19.11
N GLU B 127 25.62 -14.18 17.94
CA GLU B 127 24.71 -14.65 16.86
C GLU B 127 25.13 -16.04 16.35
N LEU B 128 26.42 -16.27 16.16
CA LEU B 128 26.95 -17.58 15.72
C LEU B 128 26.59 -18.65 16.76
N GLN B 129 26.75 -18.34 18.05
CA GLN B 129 26.45 -19.25 19.19
C GLN B 129 24.96 -19.60 19.17
N ALA B 130 24.12 -18.70 18.65
CA ALA B 130 22.65 -18.88 18.51
C ALA B 130 22.30 -19.65 17.22
N ASN B 131 23.30 -20.09 16.46
CA ASN B 131 23.14 -20.86 15.20
C ASN B 131 22.55 -19.97 14.09
N LYS B 132 22.94 -18.70 14.05
CA LYS B 132 22.56 -17.80 12.94
C LYS B 132 23.79 -17.02 12.53
N ALA B 133 23.73 -16.35 11.38
CA ALA B 133 24.84 -15.50 10.93
C ALA B 133 24.29 -14.40 10.01
N THR B 134 24.64 -13.15 10.30
CA THR B 134 24.23 -11.99 9.47
C THR B 134 25.42 -11.08 9.22
N LEU B 135 25.67 -10.77 7.95
CA LEU B 135 26.66 -9.74 7.54
C LEU B 135 25.93 -8.41 7.41
N VAL B 136 26.47 -7.36 7.99
CA VAL B 136 25.79 -6.05 8.05
C VAL B 136 26.59 -5.09 7.19
N CYS B 137 25.96 -4.52 6.16
CA CYS B 137 26.64 -3.56 5.24
C CYS B 137 25.93 -2.22 5.21
N LEU B 138 26.62 -1.17 5.63
CA LEU B 138 26.00 0.15 5.91
C LEU B 138 26.61 1.18 4.97
N ILE B 139 25.79 1.77 4.13
CA ILE B 139 26.23 2.76 3.12
C ILE B 139 25.73 4.13 3.58
N SER B 140 26.60 5.14 3.65
CA SER B 140 26.23 6.52 4.07
C SER B 140 26.95 7.64 3.30
N ASP B 141 26.38 8.84 3.37
CA ASP B 141 26.96 10.12 2.89
C ASP B 141 27.17 10.10 1.38
N PHE B 142 26.22 9.60 0.60
CA PHE B 142 26.38 9.57 -0.87
C PHE B 142 25.33 10.44 -1.55
N TYR B 143 25.62 10.89 -2.77
CA TYR B 143 24.71 11.68 -3.63
C TYR B 143 25.10 11.47 -5.07
N PRO B 144 24.17 11.18 -6.01
CA PRO B 144 22.72 11.09 -5.76
C PRO B 144 22.32 9.89 -4.89
N GLY B 145 21.10 9.92 -4.36
CA GLY B 145 20.53 8.81 -3.56
C GLY B 145 20.22 7.58 -4.41
N ALA B 146 21.25 6.93 -4.95
CA ALA B 146 21.06 5.74 -5.80
C ALA B 146 22.30 4.86 -5.77
N VAL B 147 22.16 3.66 -5.21
CA VAL B 147 23.29 2.70 -5.13
C VAL B 147 22.82 1.32 -5.57
N THR B 148 23.79 0.50 -5.94
CA THR B 148 23.64 -0.96 -6.12
C THR B 148 24.53 -1.64 -5.11
N VAL B 149 23.98 -2.58 -4.37
CA VAL B 149 24.75 -3.38 -3.38
C VAL B 149 24.79 -4.81 -3.90
N ALA B 150 25.97 -5.38 -4.02
CA ALA B 150 26.16 -6.75 -4.50
C ALA B 150 26.97 -7.50 -3.44
N TRP B 151 26.67 -8.78 -3.22
CA TRP B 151 27.40 -9.62 -2.23
C TRP B 151 28.21 -10.67 -2.98
N LYS B 152 29.43 -10.94 -2.52
CA LYS B 152 30.27 -12.02 -3.09
C LYS B 152 30.71 -12.93 -1.95
N ALA B 153 30.56 -14.24 -2.15
CA ALA B 153 31.09 -15.30 -1.27
C ALA B 153 32.40 -15.78 -1.90
N ASP B 154 33.52 -15.28 -1.38
CA ASP B 154 34.87 -15.38 -2.01
C ASP B 154 34.82 -14.53 -3.28
N SER B 155 34.79 -15.16 -4.44
CA SER B 155 34.76 -14.44 -5.74
C SER B 155 33.39 -14.64 -6.42
N SER B 156 32.47 -15.36 -5.77
CA SER B 156 31.19 -15.82 -6.36
C SER B 156 30.00 -15.02 -5.85
N PRO B 157 29.23 -14.37 -6.76
CA PRO B 157 28.04 -13.60 -6.42
C PRO B 157 26.99 -14.39 -5.64
N VAL B 158 26.40 -13.74 -4.64
CA VAL B 158 25.31 -14.31 -3.79
C VAL B 158 24.08 -13.42 -3.92
N LYS B 159 23.01 -13.99 -4.43
CA LYS B 159 21.70 -13.28 -4.54
C LYS B 159 20.82 -13.67 -3.35
N ALA B 160 20.89 -14.93 -2.91
CA ALA B 160 20.00 -15.52 -1.88
C ALA B 160 20.29 -14.93 -0.50
N GLY B 161 19.25 -14.66 0.27
CA GLY B 161 19.36 -14.21 1.67
C GLY B 161 19.80 -12.77 1.78
N VAL B 162 19.63 -11.99 0.70
CA VAL B 162 20.05 -10.56 0.64
C VAL B 162 18.84 -9.65 0.87
N GLU B 163 18.95 -8.74 1.82
CA GLU B 163 17.88 -7.76 2.09
C GLU B 163 18.50 -6.36 2.02
N THR B 164 18.12 -5.57 1.02
CA THR B 164 18.70 -4.21 0.83
C THR B 164 17.60 -3.16 0.90
N THR B 165 17.85 -2.10 1.66
CA THR B 165 16.93 -0.96 1.81
C THR B 165 16.97 -0.14 0.53
N THR B 166 15.95 0.68 0.35
CA THR B 166 15.97 1.80 -0.61
C THR B 166 16.81 2.92 -0.01
N PRO B 167 17.49 3.71 -0.85
CA PRO B 167 18.19 4.91 -0.38
C PRO B 167 17.20 5.84 0.33
N SER B 168 17.68 6.61 1.31
CA SER B 168 16.83 7.51 2.14
C SER B 168 17.57 8.80 2.46
N LYS B 169 16.90 9.95 2.34
CA LYS B 169 17.54 11.27 2.56
C LYS B 169 18.01 11.35 4.00
N GLN B 170 19.29 11.65 4.15
CA GLN B 170 20.01 11.76 5.44
C GLN B 170 19.80 13.21 5.91
N SER B 171 20.00 13.47 7.20
CA SER B 171 19.79 14.80 7.84
C SER B 171 20.75 15.83 7.24
N ASN B 172 21.89 15.39 6.70
CA ASN B 172 22.92 16.27 6.09
C ASN B 172 22.67 16.38 4.57
N ASN B 173 21.44 16.16 4.12
CA ASN B 173 21.00 16.36 2.71
C ASN B 173 21.52 15.24 1.80
N LYS B 174 22.57 14.52 2.19
CA LYS B 174 23.06 13.35 1.42
C LYS B 174 22.08 12.19 1.64
N TYR B 175 22.45 10.98 1.24
CA TYR B 175 21.59 9.79 1.41
C TYR B 175 22.31 8.69 2.18
N ALA B 176 21.53 7.77 2.73
CA ALA B 176 22.02 6.60 3.49
C ALA B 176 21.24 5.36 3.07
N ALA B 177 21.85 4.20 3.21
CA ALA B 177 21.21 2.90 2.90
C ALA B 177 21.91 1.77 3.65
N SER B 178 21.24 0.63 3.81
CA SER B 178 21.81 -0.54 4.50
C SER B 178 21.40 -1.83 3.79
N SER B 179 22.24 -2.86 3.87
CA SER B 179 21.99 -4.20 3.26
C SER B 179 22.52 -5.30 4.19
N TYR B 180 21.73 -6.36 4.37
CA TYR B 180 22.07 -7.49 5.28
C TYR B 180 22.08 -8.80 4.50
N LEU B 181 23.14 -9.61 4.68
CA LEU B 181 23.20 -10.96 4.07
C LEU B 181 23.09 -12.00 5.18
N SER B 182 22.05 -12.83 5.10
CA SER B 182 21.74 -13.85 6.11
C SER B 182 22.29 -15.19 5.64
N LEU B 183 23.07 -15.83 6.51
CA LEU B 183 23.71 -17.14 6.22
C LEU B 183 23.48 -18.09 7.39
N THR B 184 23.70 -19.38 7.12
CA THR B 184 23.92 -20.40 8.17
C THR B 184 25.38 -20.35 8.58
N PRO B 185 25.67 -20.61 9.87
CA PRO B 185 27.03 -20.62 10.37
C PRO B 185 27.97 -21.48 9.51
N GLU B 186 27.43 -22.58 8.97
CA GLU B 186 28.20 -23.56 8.16
C GLU B 186 28.59 -22.91 6.84
N GLN B 187 27.71 -22.12 6.23
CA GLN B 187 28.03 -21.36 4.99
C GLN B 187 29.07 -20.28 5.31
N TRP B 188 28.91 -19.55 6.42
CA TRP B 188 29.79 -18.43 6.82
C TRP B 188 31.24 -18.90 6.96
N LYS B 189 31.46 -20.02 7.68
CA LYS B 189 32.84 -20.53 7.95
C LYS B 189 33.31 -21.40 6.79
N SER B 190 32.44 -21.65 5.81
CA SER B 190 32.71 -22.46 4.60
C SER B 190 33.67 -21.73 3.67
N HIS B 191 33.47 -20.42 3.52
CA HIS B 191 34.18 -19.57 2.52
C HIS B 191 35.33 -18.82 3.19
N ARG B 192 36.39 -18.57 2.41
CA ARG B 192 37.62 -17.87 2.86
C ARG B 192 37.32 -16.42 3.20
N SER B 193 36.37 -15.78 2.51
CA SER B 193 36.06 -14.34 2.72
C SER B 193 34.73 -13.97 2.10
N TYR B 194 34.04 -12.97 2.66
CA TYR B 194 32.78 -12.39 2.12
C TYR B 194 32.98 -10.91 1.78
N SER B 195 32.28 -10.41 0.77
CA SER B 195 32.44 -9.01 0.30
C SER B 195 31.08 -8.34 0.18
N CYS B 196 31.01 -7.10 0.62
CA CYS B 196 29.89 -6.16 0.36
C CYS B 196 30.39 -5.11 -0.64
N GLN B 197 29.82 -5.12 -1.83
CA GLN B 197 30.34 -4.36 -2.99
C GLN B 197 29.28 -3.33 -3.36
N VAL B 198 29.60 -2.05 -3.22
CA VAL B 198 28.59 -0.97 -3.41
C VAL B 198 28.98 -0.12 -4.62
N THR B 199 28.13 -0.09 -5.63
CA THR B 199 28.36 0.65 -6.89
C THR B 199 27.51 1.91 -6.90
N HIS B 200 28.17 3.04 -7.18
CA HIS B 200 27.56 4.38 -7.16
C HIS B 200 28.20 5.21 -8.26
N GLU B 201 27.38 5.67 -9.20
CA GLU B 201 27.79 6.52 -10.35
C GLU B 201 28.98 5.85 -11.04
N GLY B 202 28.91 4.54 -11.24
CA GLY B 202 29.91 3.81 -12.05
C GLY B 202 31.10 3.30 -11.25
N SER B 203 31.42 3.92 -10.11
CA SER B 203 32.57 3.51 -9.26
C SER B 203 32.04 2.56 -8.20
N THR B 204 32.90 1.70 -7.66
CA THR B 204 32.52 0.74 -6.59
C THR B 204 33.41 0.86 -5.36
N VAL B 205 32.77 0.94 -4.20
CA VAL B 205 33.44 0.82 -2.87
C VAL B 205 33.13 -0.57 -2.33
N GLU B 206 34.16 -1.32 -1.94
CA GLU B 206 34.02 -2.75 -1.59
C GLU B 206 34.66 -3.01 -0.23
N LYS B 207 33.94 -3.70 0.63
CA LYS B 207 34.45 -4.12 1.94
C LYS B 207 34.45 -5.65 2.01
N THR B 208 35.35 -6.18 2.82
CA THR B 208 35.57 -7.63 3.02
C THR B 208 35.69 -8.00 4.51
N VAL B 209 35.13 -9.14 4.88
CA VAL B 209 35.22 -9.76 6.23
C VAL B 209 35.53 -11.23 6.03
N ALA B 210 36.04 -11.88 7.07
CA ALA B 210 36.37 -13.32 7.04
C ALA B 210 36.17 -13.93 8.41
N PRO B 211 35.94 -15.25 8.47
CA PRO B 211 35.93 -15.97 9.74
C PRO B 211 37.23 -15.76 10.53
N THR B 212 37.10 -15.40 11.81
CA THR B 212 38.22 -15.06 12.74
C THR B 212 37.86 -15.54 14.15
N VAL C 2 -21.31 -8.17 -28.49
CA VAL C 2 -20.52 -6.94 -28.16
C VAL C 2 -19.47 -7.30 -27.11
N GLN C 3 -18.23 -6.80 -27.28
CA GLN C 3 -17.13 -6.89 -26.28
C GLN C 3 -16.11 -5.75 -26.48
N LEU C 4 -15.73 -5.08 -25.39
CA LEU C 4 -14.62 -4.10 -25.38
C LEU C 4 -13.37 -4.77 -24.79
N LEU C 5 -12.34 -4.95 -25.61
CA LEU C 5 -11.07 -5.62 -25.22
C LEU C 5 -10.12 -4.56 -24.65
N GLU C 6 -9.33 -4.95 -23.65
CA GLU C 6 -8.43 -4.03 -22.90
C GLU C 6 -6.98 -4.36 -23.24
N SER C 7 -6.11 -3.36 -23.37
CA SER C 7 -4.70 -3.62 -23.71
C SER C 7 -3.75 -2.53 -23.22
N GLY C 8 -2.54 -2.93 -22.81
CA GLY C 8 -1.41 -2.03 -22.52
C GLY C 8 -1.10 -1.94 -21.04
N GLY C 9 -1.90 -2.59 -20.19
CA GLY C 9 -1.72 -2.56 -18.73
C GLY C 9 -0.35 -3.09 -18.32
N GLY C 10 0.24 -2.46 -17.30
CA GLY C 10 1.57 -2.81 -16.76
C GLY C 10 2.05 -1.75 -15.78
N LEU C 11 3.33 -1.78 -15.39
CA LEU C 11 3.84 -0.78 -14.40
C LEU C 11 4.56 0.35 -15.13
N VAL C 12 4.54 1.53 -14.49
CA VAL C 12 5.22 2.75 -14.96
C VAL C 12 5.96 3.39 -13.79
N LYS C 13 7.23 3.72 -13.98
CA LYS C 13 7.99 4.44 -12.93
C LYS C 13 7.47 5.87 -12.88
N PRO C 14 7.47 6.49 -11.68
CA PRO C 14 6.99 7.86 -11.51
C PRO C 14 7.66 8.80 -12.54
N GLY C 15 6.87 9.71 -13.10
CA GLY C 15 7.32 10.63 -14.16
C GLY C 15 7.30 9.97 -15.52
N GLY C 16 6.94 8.68 -15.58
CA GLY C 16 6.96 7.87 -16.81
C GLY C 16 5.75 8.14 -17.69
N SER C 17 5.41 7.18 -18.57
CA SER C 17 4.26 7.29 -19.51
C SER C 17 3.88 5.89 -20.02
N LEU C 18 2.61 5.70 -20.42
CA LEU C 18 2.06 4.40 -20.90
C LEU C 18 0.93 4.62 -21.91
N ARG C 19 1.01 3.91 -23.04
CA ARG C 19 -0.02 3.98 -24.11
C ARG C 19 -1.03 2.87 -23.85
N LEU C 20 -2.21 3.25 -23.39
CA LEU C 20 -3.31 2.32 -23.07
C LEU C 20 -4.30 2.36 -24.22
N SER C 21 -4.91 1.22 -24.55
CA SER C 21 -5.79 1.14 -25.72
C SER C 21 -6.98 0.21 -25.45
N CYS C 22 -8.00 0.31 -26.30
CA CYS C 22 -9.23 -0.51 -26.23
C CYS C 22 -9.80 -0.73 -27.64
N GLU C 23 -10.12 -1.98 -27.97
CA GLU C 23 -10.56 -2.44 -29.32
C GLU C 23 -11.99 -2.97 -29.23
N ALA C 24 -12.88 -2.46 -30.10
CA ALA C 24 -14.35 -2.65 -30.03
C ALA C 24 -14.85 -3.70 -31.03
N SER C 25 -15.65 -4.65 -30.54
CA SER C 25 -16.51 -5.58 -31.34
C SER C 25 -17.97 -5.14 -31.23
N GLY C 26 -18.81 -5.50 -32.21
CA GLY C 26 -20.20 -5.01 -32.28
C GLY C 26 -20.21 -3.49 -32.29
N LEU C 27 -19.54 -2.89 -33.28
CA LEU C 27 -19.20 -1.45 -33.31
C LEU C 27 -20.11 -0.67 -34.27
N THR C 28 -20.35 0.58 -33.90
CA THR C 28 -20.64 1.74 -34.79
C THR C 28 -19.76 2.87 -34.24
N PHE C 29 -18.44 2.61 -34.27
CA PHE C 29 -17.37 3.32 -33.52
C PHE C 29 -17.25 4.79 -33.93
N SER C 30 -17.70 5.16 -35.13
CA SER C 30 -17.60 6.53 -35.70
C SER C 30 -18.53 7.50 -34.96
N ASN C 31 -19.61 6.98 -34.38
CA ASN C 31 -20.72 7.80 -33.82
C ASN C 31 -20.61 7.88 -32.29
N VAL C 32 -20.36 6.75 -31.64
CA VAL C 32 -20.32 6.64 -30.14
C VAL C 32 -19.22 7.56 -29.63
N TRP C 33 -19.45 8.21 -28.48
CA TRP C 33 -18.39 8.90 -27.71
C TRP C 33 -17.56 7.79 -27.04
N MET C 34 -16.25 7.99 -26.86
CA MET C 34 -15.41 6.98 -26.15
C MET C 34 -14.88 7.58 -24.87
N SER C 35 -14.93 6.79 -23.78
CA SER C 35 -14.62 7.26 -22.41
C SER C 35 -13.86 6.22 -21.61
N TRP C 36 -13.01 6.70 -20.71
CA TRP C 36 -12.22 5.89 -19.75
C TRP C 36 -12.61 6.27 -18.34
N VAL C 37 -12.73 5.28 -17.46
CA VAL C 37 -12.99 5.49 -16.01
C VAL C 37 -11.95 4.69 -15.23
N ARG C 38 -11.34 5.28 -14.21
CA ARG C 38 -10.35 4.53 -13.42
C ARG C 38 -10.89 4.21 -12.04
N GLN C 39 -10.25 3.28 -11.34
CA GLN C 39 -10.65 2.92 -9.96
C GLN C 39 -9.43 2.49 -9.15
N ALA C 40 -8.89 3.41 -8.36
CA ALA C 40 -7.73 3.11 -7.49
C ALA C 40 -8.14 1.98 -6.56
N PRO C 41 -7.23 1.03 -6.24
CA PRO C 41 -7.55 -0.11 -5.39
C PRO C 41 -8.22 0.29 -4.06
N GLY C 42 -9.39 -0.24 -3.76
CA GLY C 42 -10.15 0.08 -2.54
C GLY C 42 -11.03 1.32 -2.67
N LYS C 43 -10.72 2.24 -3.58
CA LYS C 43 -11.46 3.52 -3.74
C LYS C 43 -12.56 3.37 -4.80
N GLY C 44 -13.31 4.46 -4.99
CA GLY C 44 -14.53 4.48 -5.81
C GLY C 44 -14.20 4.69 -7.27
N LEU C 45 -15.22 4.90 -8.10
CA LEU C 45 -15.04 5.14 -9.55
C LEU C 45 -14.76 6.62 -9.76
N GLU C 46 -13.80 6.90 -10.62
CA GLU C 46 -13.40 8.28 -10.98
C GLU C 46 -13.23 8.33 -12.50
N TRP C 47 -13.93 9.26 -13.13
CA TRP C 47 -13.85 9.49 -14.59
C TRP C 47 -12.48 10.11 -14.87
N VAL C 48 -11.83 9.71 -15.97
CA VAL C 48 -10.53 10.30 -16.37
C VAL C 48 -10.74 11.21 -17.58
N GLY C 49 -11.53 10.77 -18.57
CA GLY C 49 -11.77 11.58 -19.77
C GLY C 49 -12.61 10.88 -20.82
N ARG C 50 -13.04 11.63 -21.82
CA ARG C 50 -13.82 11.13 -22.96
C ARG C 50 -13.47 11.94 -24.22
N ILE C 51 -13.52 11.27 -25.38
CA ILE C 51 -13.27 11.91 -26.70
C ILE C 51 -14.57 11.88 -27.50
N LYS C 52 -14.92 13.03 -28.10
CA LYS C 52 -16.18 13.19 -28.85
C LYS C 52 -16.03 12.51 -30.20
N ARG C 53 -17.16 12.38 -30.90
CA ARG C 53 -17.27 11.72 -32.23
C ARG C 53 -16.59 12.56 -33.30
N LYS C 54 -16.33 11.96 -34.46
CA LYS C 54 -15.68 12.59 -35.64
C LYS C 54 -16.40 13.91 -35.99
N SER C 55 -17.73 13.90 -35.94
CA SER C 55 -18.63 14.99 -36.41
C SER C 55 -18.47 16.25 -35.57
N GLU C 56 -18.03 16.11 -34.31
CA GLU C 56 -17.93 17.25 -33.35
C GLU C 56 -16.48 17.74 -33.30
N GLY C 57 -15.63 17.22 -34.20
CA GLY C 57 -14.21 17.60 -34.30
C GLY C 57 -13.30 16.78 -33.40
N ALA C 58 -13.80 15.64 -32.90
CA ALA C 58 -13.05 14.67 -32.06
C ALA C 58 -12.35 15.39 -30.89
N THR C 59 -13.04 16.34 -30.26
CA THR C 59 -12.53 17.12 -29.12
C THR C 59 -12.48 16.24 -27.88
N THR C 60 -11.77 16.67 -26.84
CA THR C 60 -11.52 15.87 -25.61
C THR C 60 -11.70 16.69 -24.34
N ASP C 61 -12.35 16.12 -23.32
CA ASP C 61 -12.49 16.68 -21.95
C ASP C 61 -11.91 15.70 -20.93
N TYR C 62 -11.42 16.22 -19.80
CA TYR C 62 -10.71 15.41 -18.76
C TYR C 62 -11.18 15.80 -17.35
N GLY C 63 -11.05 14.82 -16.44
CA GLY C 63 -11.30 15.02 -15.00
C GLY C 63 -10.26 15.96 -14.42
N ALA C 64 -10.56 16.62 -13.30
CA ALA C 64 -9.72 17.69 -12.71
C ALA C 64 -8.32 17.19 -12.35
N PRO C 65 -8.18 15.98 -11.75
CA PRO C 65 -6.86 15.44 -11.40
C PRO C 65 -5.97 15.18 -12.63
N VAL C 66 -6.61 14.95 -13.77
CA VAL C 66 -5.97 14.49 -15.03
C VAL C 66 -5.46 15.68 -15.84
N LYS C 67 -6.33 16.66 -16.11
CA LYS C 67 -6.07 17.78 -17.08
C LYS C 67 -4.59 18.15 -17.04
N GLY C 68 -3.94 18.14 -18.21
CA GLY C 68 -2.54 18.54 -18.39
C GLY C 68 -1.61 17.35 -18.46
N ARG C 69 -2.00 16.20 -17.91
CA ARG C 69 -1.12 15.00 -17.80
C ARG C 69 -1.46 13.97 -18.88
N PHE C 70 -2.75 13.70 -19.12
CA PHE C 70 -3.16 12.62 -20.05
C PHE C 70 -3.66 13.27 -21.35
N THR C 71 -3.60 12.52 -22.45
CA THR C 71 -4.16 12.92 -23.77
C THR C 71 -4.86 11.75 -24.45
N LEU C 72 -6.10 11.97 -24.87
CA LEU C 72 -6.94 10.96 -25.54
C LEU C 72 -6.92 11.16 -27.05
N SER C 73 -7.13 10.06 -27.78
CA SER C 73 -7.19 10.02 -29.25
C SER C 73 -7.85 8.71 -29.65
N ARG C 74 -8.07 8.53 -30.95
CA ARG C 74 -8.55 7.23 -31.50
C ARG C 74 -8.35 7.16 -33.01
N ASP C 75 -8.43 5.94 -33.55
CA ASP C 75 -8.29 5.66 -35.00
C ASP C 75 -9.46 4.78 -35.42
N ASP C 76 -10.52 5.39 -35.97
CA ASP C 76 -11.81 4.73 -36.29
C ASP C 76 -11.57 3.55 -37.26
N SER C 77 -10.56 3.66 -38.14
CA SER C 77 -10.23 2.62 -39.15
C SER C 77 -9.74 1.34 -38.48
N LYS C 78 -9.21 1.44 -37.25
CA LYS C 78 -8.72 0.27 -36.47
C LYS C 78 -9.78 -0.18 -35.44
N ASN C 79 -10.88 0.58 -35.31
CA ASN C 79 -11.91 0.36 -34.27
C ASN C 79 -11.21 0.33 -32.89
N THR C 80 -10.28 1.26 -32.64
CA THR C 80 -9.51 1.35 -31.36
C THR C 80 -9.44 2.79 -30.84
N VAL C 81 -9.53 2.93 -29.52
CA VAL C 81 -9.34 4.22 -28.80
C VAL C 81 -7.99 4.15 -28.07
N TYR C 82 -7.35 5.30 -27.88
CA TYR C 82 -6.02 5.37 -27.24
C TYR C 82 -6.01 6.39 -26.11
N LEU C 83 -5.55 5.95 -24.93
CA LEU C 83 -5.30 6.81 -23.74
C LEU C 83 -3.79 6.87 -23.52
N GLN C 84 -3.18 8.04 -23.75
CA GLN C 84 -1.73 8.25 -23.58
C GLN C 84 -1.49 9.06 -22.30
N MET C 85 -0.91 8.41 -21.29
CA MET C 85 -0.66 9.01 -19.96
C MET C 85 0.81 9.45 -19.91
N ASN C 86 1.07 10.76 -19.87
CA ASN C 86 2.39 11.38 -20.20
C ASN C 86 3.28 11.50 -18.96
N SER C 87 2.70 11.77 -17.78
CA SER C 87 3.48 12.18 -16.58
C SER C 87 2.84 11.61 -15.32
N LEU C 88 3.10 10.34 -15.05
CA LEU C 88 2.30 9.54 -14.10
C LEU C 88 2.93 9.62 -12.71
N LYS C 89 2.08 9.78 -11.70
CA LYS C 89 2.45 9.84 -10.27
C LYS C 89 1.86 8.63 -9.56
N ILE C 90 2.33 8.35 -8.34
CA ILE C 90 2.06 7.08 -7.62
C ILE C 90 0.55 6.89 -7.42
N ASP C 91 -0.24 7.95 -7.21
CA ASP C 91 -1.68 7.83 -6.87
C ASP C 91 -2.52 7.73 -8.16
N ASP C 92 -1.88 7.70 -9.34
CA ASP C 92 -2.58 7.42 -10.62
C ASP C 92 -2.76 5.90 -10.79
N THR C 93 -2.17 5.10 -9.89
CA THR C 93 -2.34 3.63 -9.89
C THR C 93 -3.82 3.31 -9.76
N ALA C 94 -4.34 2.58 -10.73
CA ALA C 94 -5.77 2.24 -10.79
C ALA C 94 -6.03 1.22 -11.90
N VAL C 95 -7.20 0.60 -11.82
CA VAL C 95 -7.74 -0.18 -12.96
C VAL C 95 -8.38 0.84 -13.87
N TYR C 96 -7.98 0.83 -15.14
CA TYR C 96 -8.53 1.77 -16.15
C TYR C 96 -9.52 1.01 -17.02
N TYR C 97 -10.79 1.39 -16.90
CA TYR C 97 -11.91 0.71 -17.60
C TYR C 97 -12.23 1.42 -18.91
N CYS C 98 -12.27 0.64 -19.98
CA CYS C 98 -12.72 1.10 -21.30
C CYS C 98 -14.26 1.14 -21.30
N SER C 99 -14.83 2.21 -21.81
CA SER C 99 -16.30 2.36 -21.84
C SER C 99 -16.74 3.27 -22.97
N THR C 100 -18.06 3.30 -23.17
CA THR C 100 -18.75 4.03 -24.25
C THR C 100 -19.84 4.92 -23.67
N LEU C 101 -19.61 6.24 -23.60
CA LEU C 101 -20.66 7.22 -23.24
C LEU C 101 -21.71 7.29 -24.36
N THR C 102 -23.00 7.16 -24.00
CA THR C 102 -24.15 7.29 -24.94
C THR C 102 -25.20 8.25 -24.37
N ARG C 103 -25.84 9.02 -25.27
CA ARG C 103 -26.79 10.12 -24.93
C ARG C 103 -28.11 9.51 -24.46
N GLY C 104 -28.84 10.24 -23.61
CA GLY C 104 -30.18 9.83 -23.10
C GLY C 104 -31.29 10.07 -24.12
N GLY C 105 -31.58 9.04 -24.95
CA GLY C 105 -32.74 9.01 -25.87
C GLY C 105 -32.88 10.28 -26.67
N ASP C 106 -33.99 11.01 -26.47
CA ASP C 106 -34.33 12.25 -27.22
C ASP C 106 -34.46 13.43 -26.25
N VAL C 107 -33.96 14.61 -26.67
CA VAL C 107 -33.95 15.88 -25.89
C VAL C 107 -33.71 15.57 -24.40
N TYR C 113 -24.85 8.47 -20.01
CA TYR C 113 -24.64 7.20 -19.26
C TYR C 113 -23.72 6.25 -20.03
N PHE C 114 -23.07 5.32 -19.32
CA PHE C 114 -22.11 4.33 -19.87
C PHE C 114 -22.81 3.00 -20.15
N ASP C 115 -23.23 2.78 -21.40
CA ASP C 115 -24.01 1.57 -21.78
C ASP C 115 -23.10 0.34 -21.76
N TYR C 116 -21.91 0.44 -22.35
CA TYR C 116 -21.00 -0.74 -22.46
C TYR C 116 -19.68 -0.48 -21.72
N TRP C 117 -19.23 -1.52 -21.03
CA TRP C 117 -18.00 -1.55 -20.22
C TRP C 117 -17.11 -2.69 -20.70
N GLY C 118 -15.79 -2.54 -20.53
CA GLY C 118 -14.80 -3.57 -20.84
C GLY C 118 -14.46 -4.42 -19.63
N GLN C 119 -13.21 -4.86 -19.54
CA GLN C 119 -12.70 -5.74 -18.46
C GLN C 119 -11.86 -4.94 -17.46
N GLY C 120 -11.35 -3.78 -17.85
CA GLY C 120 -10.38 -3.01 -17.04
C GLY C 120 -8.95 -3.43 -17.32
N ALA C 121 -8.06 -2.46 -17.50
CA ALA C 121 -6.59 -2.66 -17.62
C ALA C 121 -5.91 -2.01 -16.41
N LEU C 122 -5.19 -2.81 -15.62
CA LEU C 122 -4.54 -2.32 -14.37
C LEU C 122 -3.23 -1.61 -14.72
N VAL C 123 -3.06 -0.38 -14.23
CA VAL C 123 -1.78 0.37 -14.39
C VAL C 123 -1.20 0.63 -13.01
N THR C 124 -0.01 0.08 -12.73
CA THR C 124 0.67 0.17 -11.41
C THR C 124 1.79 1.22 -11.53
N VAL C 125 1.76 2.29 -10.75
CA VAL C 125 2.81 3.34 -10.84
C VAL C 125 3.82 3.11 -9.71
N SER C 126 4.98 2.56 -10.03
CA SER C 126 5.98 2.12 -9.03
C SER C 126 7.40 2.34 -9.56
N SER C 127 8.30 2.79 -8.70
CA SER C 127 9.76 2.89 -9.00
C SER C 127 10.41 1.49 -8.88
N ALA C 128 9.63 0.47 -8.50
CA ALA C 128 10.05 -0.95 -8.50
C ALA C 128 10.27 -1.38 -9.96
N SER C 129 10.72 -2.62 -10.19
CA SER C 129 10.91 -3.16 -11.56
C SER C 129 10.02 -4.39 -11.79
N THR C 130 9.63 -4.56 -13.06
CA THR C 130 8.74 -5.65 -13.51
C THR C 130 9.43 -6.97 -13.25
N LYS C 131 8.73 -7.91 -12.66
CA LYS C 131 9.31 -9.24 -12.38
C LYS C 131 8.29 -10.31 -12.76
N GLY C 132 8.70 -11.22 -13.63
CA GLY C 132 7.83 -12.33 -14.07
C GLY C 132 7.74 -13.38 -12.97
N PRO C 133 6.73 -14.26 -13.07
CA PRO C 133 6.46 -15.29 -12.08
C PRO C 133 7.36 -16.52 -12.16
N SER C 134 7.55 -17.20 -11.03
CA SER C 134 8.14 -18.55 -10.92
C SER C 134 6.99 -19.50 -10.66
N VAL C 135 6.59 -20.31 -11.63
CA VAL C 135 5.38 -21.16 -11.51
C VAL C 135 5.77 -22.58 -11.15
N PHE C 136 5.19 -23.08 -10.07
CA PHE C 136 5.44 -24.46 -9.57
C PHE C 136 4.15 -25.25 -9.57
N PRO C 137 4.25 -26.54 -9.90
CA PRO C 137 3.11 -27.44 -9.88
C PRO C 137 2.79 -27.80 -8.44
N LEU C 138 1.50 -27.94 -8.14
CA LEU C 138 1.01 -28.49 -6.85
C LEU C 138 0.37 -29.87 -7.12
N ALA C 139 1.14 -30.93 -6.84
CA ALA C 139 0.77 -32.33 -7.17
C ALA C 139 -0.55 -32.64 -6.51
N PRO C 140 -1.40 -33.41 -7.21
CA PRO C 140 -2.75 -33.76 -6.74
C PRO C 140 -2.76 -34.65 -5.49
N SER C 141 -3.71 -34.41 -4.58
CA SER C 141 -4.05 -35.39 -3.52
C SER C 141 -5.39 -35.05 -2.88
N SER C 142 -6.10 -36.08 -2.37
CA SER C 142 -7.34 -35.96 -1.55
C SER C 142 -7.01 -35.64 -0.09
N LYS C 143 -5.73 -35.71 0.28
CA LYS C 143 -5.23 -35.46 1.66
C LYS C 143 -4.95 -33.97 1.85
N SER C 144 -4.88 -33.22 0.76
CA SER C 144 -4.59 -31.76 0.77
C SER C 144 -5.79 -30.99 1.32
N THR C 145 -6.98 -31.60 1.26
CA THR C 145 -8.27 -30.92 1.54
C THR C 145 -8.81 -31.32 2.91
N SER C 146 -9.39 -30.34 3.60
CA SER C 146 -10.18 -30.54 4.83
C SER C 146 -11.39 -31.40 4.48
N GLY C 147 -12.01 -31.13 3.33
CA GLY C 147 -13.14 -31.92 2.79
C GLY C 147 -12.64 -33.23 2.20
N GLY C 148 -13.47 -33.85 1.37
CA GLY C 148 -13.19 -35.20 0.83
C GLY C 148 -12.78 -35.16 -0.62
N THR C 149 -12.52 -33.96 -1.14
CA THR C 149 -12.29 -33.72 -2.59
C THR C 149 -10.80 -33.88 -2.91
N ALA C 150 -10.48 -34.38 -4.10
CA ALA C 150 -9.10 -34.33 -4.64
C ALA C 150 -8.81 -32.90 -5.08
N ALA C 151 -7.58 -32.45 -4.93
CA ALA C 151 -7.17 -31.11 -5.41
C ALA C 151 -5.74 -31.13 -5.91
N LEU C 152 -5.54 -30.37 -6.98
CA LEU C 152 -4.25 -30.06 -7.61
C LEU C 152 -4.22 -28.57 -7.91
N GLY C 153 -3.05 -28.02 -8.22
CA GLY C 153 -3.02 -26.60 -8.58
C GLY C 153 -1.67 -26.14 -9.05
N CYS C 154 -1.55 -24.83 -9.21
CA CYS C 154 -0.30 -24.16 -9.61
C CYS C 154 -0.02 -23.04 -8.63
N LEU C 155 1.25 -22.89 -8.26
CA LEU C 155 1.71 -21.77 -7.41
C LEU C 155 2.39 -20.77 -8.33
N VAL C 156 1.90 -19.54 -8.38
CA VAL C 156 2.46 -18.47 -9.24
C VAL C 156 3.14 -17.52 -8.27
N LYS C 157 4.46 -17.49 -8.24
CA LYS C 157 5.20 -16.88 -7.11
C LYS C 157 6.12 -15.75 -7.56
N ASP C 158 6.29 -14.77 -6.68
CA ASP C 158 7.33 -13.69 -6.76
C ASP C 158 7.23 -12.93 -8.09
N TYR C 159 6.07 -12.32 -8.38
CA TYR C 159 5.86 -11.52 -9.62
C TYR C 159 5.45 -10.09 -9.27
N PHE C 160 5.69 -9.16 -10.18
CA PHE C 160 5.27 -7.74 -10.03
C PHE C 160 5.17 -7.09 -11.39
N PRO C 161 4.13 -6.27 -11.68
CA PRO C 161 2.99 -5.98 -10.81
C PRO C 161 1.85 -6.98 -11.01
N GLU C 162 0.67 -6.66 -10.49
CA GLU C 162 -0.60 -7.37 -10.82
C GLU C 162 -1.01 -6.93 -12.22
N PRO C 163 -1.92 -7.65 -12.92
CA PRO C 163 -2.41 -8.98 -12.53
C PRO C 163 -1.72 -10.10 -13.30
N VAL C 164 -1.79 -11.32 -12.77
CA VAL C 164 -1.61 -12.52 -13.61
C VAL C 164 -2.99 -13.14 -13.77
N THR C 165 -3.23 -13.76 -14.92
CA THR C 165 -4.46 -14.56 -15.15
C THR C 165 -4.02 -16.01 -15.30
N VAL C 166 -4.82 -16.94 -14.78
CA VAL C 166 -4.49 -18.39 -14.86
C VAL C 166 -5.68 -19.14 -15.43
N SER C 167 -5.40 -20.02 -16.39
CA SER C 167 -6.39 -20.89 -17.05
C SER C 167 -5.86 -22.31 -17.00
N TRP C 168 -6.69 -23.28 -17.29
CA TRP C 168 -6.28 -24.69 -17.22
C TRP C 168 -6.61 -25.36 -18.54
N ASN C 169 -5.70 -26.23 -18.98
CA ASN C 169 -5.82 -27.00 -20.24
C ASN C 169 -6.19 -26.00 -21.36
N SER C 170 -5.53 -24.85 -21.33
CA SER C 170 -5.64 -23.79 -22.38
C SER C 170 -7.07 -23.28 -22.48
N GLY C 171 -7.82 -23.26 -21.37
CA GLY C 171 -9.22 -22.76 -21.34
C GLY C 171 -10.25 -23.87 -21.47
N ALA C 172 -9.80 -25.10 -21.75
CA ALA C 172 -10.68 -26.28 -21.87
C ALA C 172 -11.27 -26.60 -20.50
N LEU C 173 -10.48 -26.44 -19.42
CA LEU C 173 -10.95 -26.79 -18.06
C LEU C 173 -11.22 -25.53 -17.25
N THR C 174 -12.47 -25.35 -16.87
CA THR C 174 -12.99 -24.11 -16.23
C THR C 174 -13.88 -24.44 -15.03
N SER C 175 -14.25 -25.70 -14.85
CA SER C 175 -15.33 -26.08 -13.93
C SER C 175 -14.80 -26.04 -12.50
N GLY C 176 -14.02 -27.04 -12.09
CA GLY C 176 -13.59 -27.19 -10.68
C GLY C 176 -12.50 -26.21 -10.31
N VAL C 177 -12.33 -25.15 -11.11
CA VAL C 177 -11.13 -24.26 -11.09
C VAL C 177 -11.43 -23.10 -10.15
N HIS C 178 -10.57 -22.91 -9.15
CA HIS C 178 -10.65 -21.79 -8.18
C HIS C 178 -9.29 -21.09 -8.19
N THR C 179 -9.29 -19.80 -8.49
CA THR C 179 -8.05 -19.00 -8.49
C THR C 179 -8.16 -17.85 -7.48
N PHE C 180 -7.46 -18.02 -6.37
CA PHE C 180 -7.45 -17.09 -5.21
C PHE C 180 -6.81 -15.77 -5.60
N PRO C 181 -7.18 -14.67 -4.91
CA PRO C 181 -6.49 -13.41 -5.00
C PRO C 181 -5.03 -13.64 -4.58
N ALA C 182 -4.14 -12.78 -5.07
CA ALA C 182 -2.70 -12.80 -4.73
C ALA C 182 -2.48 -12.18 -3.36
N VAL C 183 -1.48 -12.66 -2.67
CA VAL C 183 -0.98 -12.01 -1.44
C VAL C 183 0.05 -10.97 -1.87
N LEU C 184 0.12 -9.82 -1.21
CA LEU C 184 1.30 -8.93 -1.39
C LEU C 184 2.37 -9.25 -0.32
N GLN C 185 3.47 -9.88 -0.74
CA GLN C 185 4.50 -10.38 0.19
C GLN C 185 5.27 -9.19 0.75
N SER C 186 5.90 -9.39 1.89
CA SER C 186 6.78 -8.39 2.55
C SER C 186 7.94 -8.05 1.60
N SER C 187 8.29 -9.00 0.75
CA SER C 187 9.35 -8.83 -0.28
C SER C 187 8.96 -7.72 -1.24
N GLY C 188 7.68 -7.34 -1.30
CA GLY C 188 7.15 -6.35 -2.25
C GLY C 188 6.57 -7.02 -3.49
N LEU C 189 6.79 -8.33 -3.64
CA LEU C 189 6.35 -9.11 -4.82
C LEU C 189 5.04 -9.80 -4.48
N TYR C 190 4.23 -10.10 -5.50
CA TYR C 190 2.92 -10.78 -5.38
C TYR C 190 3.08 -12.28 -5.53
N SER C 191 2.19 -13.04 -4.90
CA SER C 191 2.09 -14.51 -5.02
C SER C 191 0.61 -14.90 -5.14
N LEU C 192 0.32 -15.81 -6.06
CA LEU C 192 -1.05 -16.26 -6.41
C LEU C 192 -1.07 -17.77 -6.38
N SER C 193 -2.22 -18.37 -6.08
CA SER C 193 -2.41 -19.81 -6.27
C SER C 193 -3.71 -20.05 -6.99
N SER C 194 -3.69 -21.00 -7.93
CA SER C 194 -4.90 -21.53 -8.61
C SER C 194 -4.98 -23.02 -8.34
N VAL C 195 -6.07 -23.40 -7.68
CA VAL C 195 -6.30 -24.82 -7.29
C VAL C 195 -7.53 -25.30 -8.05
N VAL C 196 -7.56 -26.59 -8.34
CA VAL C 196 -8.71 -27.20 -9.02
C VAL C 196 -9.21 -28.35 -8.16
N THR C 197 -10.51 -28.36 -7.85
CA THR C 197 -11.15 -29.56 -7.25
C THR C 197 -11.54 -30.46 -8.41
N VAL C 198 -11.03 -31.68 -8.40
CA VAL C 198 -11.20 -32.66 -9.50
C VAL C 198 -11.67 -33.98 -8.89
N PRO C 199 -12.33 -34.84 -9.68
CA PRO C 199 -12.77 -36.15 -9.22
C PRO C 199 -11.58 -37.07 -8.96
N SER C 200 -11.66 -37.85 -7.87
CA SER C 200 -10.66 -38.87 -7.48
C SER C 200 -10.37 -39.73 -8.69
N SER C 201 -11.46 -40.09 -9.36
CA SER C 201 -11.52 -40.94 -10.57
C SER C 201 -10.45 -40.56 -11.61
N SER C 202 -10.30 -39.27 -11.88
CA SER C 202 -9.71 -38.71 -13.13
C SER C 202 -8.18 -38.65 -13.12
N LEU C 203 -7.52 -38.71 -11.96
CA LEU C 203 -6.10 -38.26 -11.86
C LEU C 203 -5.19 -39.11 -12.75
N GLY C 204 -5.34 -40.43 -12.80
CA GLY C 204 -4.51 -41.29 -13.68
C GLY C 204 -4.85 -41.13 -15.14
N THR C 205 -6.09 -40.71 -15.42
CA THR C 205 -6.76 -40.69 -16.75
C THR C 205 -6.41 -39.43 -17.54
N GLN C 206 -6.72 -38.25 -16.97
CA GLN C 206 -6.75 -36.96 -17.72
C GLN C 206 -5.55 -36.08 -17.42
N THR C 207 -5.08 -35.36 -18.44
CA THR C 207 -3.97 -34.38 -18.37
C THR C 207 -4.44 -33.15 -17.59
N TYR C 208 -3.60 -32.60 -16.71
CA TYR C 208 -3.88 -31.30 -16.04
C TYR C 208 -2.69 -30.38 -16.25
N ILE C 209 -2.95 -29.22 -16.86
CA ILE C 209 -1.94 -28.17 -17.19
C ILE C 209 -2.50 -26.80 -16.81
N CYS C 210 -1.71 -26.02 -16.09
CA CYS C 210 -2.07 -24.61 -15.83
C CYS C 210 -1.36 -23.74 -16.86
N ASN C 211 -2.00 -22.65 -17.24
CA ASN C 211 -1.46 -21.69 -18.22
C ASN C 211 -1.45 -20.34 -17.51
N VAL C 212 -0.27 -19.89 -17.14
CA VAL C 212 -0.11 -18.66 -16.34
C VAL C 212 0.29 -17.52 -17.28
N ASN C 213 -0.48 -16.44 -17.30
CA ASN C 213 -0.22 -15.31 -18.23
C ASN C 213 -0.01 -14.02 -17.43
N HIS C 214 1.24 -13.59 -17.29
CA HIS C 214 1.59 -12.31 -16.63
C HIS C 214 1.76 -11.25 -17.71
N LYS C 215 0.64 -10.69 -18.19
CA LYS C 215 0.65 -9.74 -19.33
C LYS C 215 1.64 -8.60 -19.08
N PRO C 216 1.69 -8.02 -17.85
CA PRO C 216 2.60 -6.92 -17.54
C PRO C 216 4.07 -7.22 -17.81
N SER C 217 4.48 -8.50 -17.83
CA SER C 217 5.87 -8.92 -18.13
C SER C 217 5.91 -9.75 -19.41
N ASN C 218 4.86 -9.66 -20.24
CA ASN C 218 4.79 -10.35 -21.55
C ASN C 218 5.24 -11.80 -21.39
N THR C 219 4.81 -12.46 -20.31
CA THR C 219 5.31 -13.81 -19.94
C THR C 219 4.15 -14.79 -19.85
N LYS C 220 4.33 -15.95 -20.46
CA LYS C 220 3.37 -17.05 -20.29
C LYS C 220 4.17 -18.24 -19.80
N VAL C 221 3.66 -18.90 -18.76
CA VAL C 221 4.32 -20.11 -18.21
C VAL C 221 3.28 -21.21 -18.12
N ASP C 222 3.52 -22.32 -18.80
CA ASP C 222 2.63 -23.49 -18.76
C ASP C 222 3.30 -24.56 -17.89
N LYS C 223 2.56 -25.15 -16.95
CA LYS C 223 3.08 -26.23 -16.10
C LYS C 223 2.10 -27.39 -16.08
N ARG C 224 2.61 -28.59 -16.40
CA ARG C 224 1.88 -29.86 -16.20
C ARG C 224 1.88 -30.14 -14.70
N VAL C 225 0.73 -30.52 -14.17
CA VAL C 225 0.58 -30.89 -12.74
C VAL C 225 0.17 -32.34 -12.72
N GLU C 226 1.09 -33.23 -12.35
CA GLU C 226 0.80 -34.68 -12.39
C GLU C 226 1.14 -35.33 -11.06
N PRO C 227 0.52 -36.50 -10.79
CA PRO C 227 0.67 -37.22 -9.54
C PRO C 227 2.12 -37.45 -9.10
N LYS C 228 2.35 -37.31 -7.79
CA LYS C 228 3.66 -37.56 -7.16
C LYS C 228 3.83 -39.08 -6.99
N SER C 229 5.06 -39.58 -7.15
CA SER C 229 5.43 -41.01 -7.04
C SER C 229 5.09 -41.59 -5.64
N ALA D 3 -19.74 17.55 -6.44
CA ALA D 3 -19.66 16.18 -5.85
C ALA D 3 -21.08 15.68 -5.51
N LEU D 4 -21.25 14.36 -5.47
CA LEU D 4 -22.51 13.68 -5.09
C LEU D 4 -22.30 12.88 -3.81
N THR D 5 -23.35 12.75 -2.99
CA THR D 5 -23.26 12.04 -1.70
C THR D 5 -24.18 10.82 -1.71
N GLN D 6 -23.56 9.65 -1.49
CA GLN D 6 -24.25 8.37 -1.27
C GLN D 6 -23.97 7.94 0.16
N PRO D 7 -24.85 7.10 0.75
CA PRO D 7 -24.54 6.39 1.97
C PRO D 7 -23.38 5.43 1.68
N ALA D 8 -22.35 5.43 2.54
CA ALA D 8 -21.19 4.54 2.38
C ALA D 8 -21.65 3.08 2.45
N SER D 9 -22.65 2.81 3.29
CA SER D 9 -23.08 1.43 3.62
C SER D 9 -24.61 1.35 3.76
N VAL D 10 -25.19 0.24 3.30
CA VAL D 10 -26.65 -0.04 3.41
C VAL D 10 -26.86 -1.51 3.83
N SER D 11 -27.39 -1.69 5.03
CA SER D 11 -27.77 -3.02 5.59
C SER D 11 -29.14 -3.41 5.07
N GLY D 12 -29.35 -4.72 4.88
CA GLY D 12 -30.66 -5.25 4.45
C GLY D 12 -30.86 -6.68 4.94
N SER D 13 -32.08 -7.17 4.77
CA SER D 13 -32.49 -8.55 5.13
C SER D 13 -33.17 -9.18 3.93
N PRO D 14 -32.93 -10.48 3.70
CA PRO D 14 -33.46 -11.17 2.53
C PRO D 14 -34.98 -10.95 2.39
N GLY D 15 -35.44 -10.74 1.15
CA GLY D 15 -36.87 -10.64 0.81
C GLY D 15 -37.48 -9.30 1.19
N GLN D 16 -36.67 -8.29 1.52
CA GLN D 16 -37.18 -6.93 1.84
C GLN D 16 -36.67 -5.93 0.80
N SER D 17 -37.24 -4.74 0.82
CA SER D 17 -36.84 -3.59 -0.04
C SER D 17 -35.75 -2.75 0.65
N ILE D 18 -34.69 -2.37 -0.09
CA ILE D 18 -33.65 -1.43 0.41
C ILE D 18 -33.47 -0.30 -0.59
N THR D 19 -33.12 0.89 -0.10
CA THR D 19 -33.02 2.12 -0.92
C THR D 19 -31.65 2.77 -0.74
N ILE D 20 -31.00 3.07 -1.86
CA ILE D 20 -29.71 3.79 -1.85
C ILE D 20 -29.97 5.19 -2.39
N SER D 21 -29.70 6.22 -1.59
CA SER D 21 -29.86 7.65 -1.99
C SER D 21 -28.59 8.16 -2.66
N CYS D 22 -28.77 9.18 -3.52
CA CYS D 22 -27.68 9.84 -4.28
C CYS D 22 -27.97 11.33 -4.28
N THR D 23 -27.48 12.03 -3.26
CA THR D 23 -27.79 13.45 -3.03
C THR D 23 -26.83 14.29 -3.87
N GLY D 24 -27.38 15.20 -4.67
CA GLY D 24 -26.61 16.14 -5.50
C GLY D 24 -26.86 17.57 -5.08
N THR D 25 -26.52 18.50 -5.95
CA THR D 25 -26.72 19.95 -5.74
C THR D 25 -27.97 20.39 -6.53
N SER D 26 -28.49 21.57 -6.21
CA SER D 26 -29.79 22.08 -6.74
C SER D 26 -29.71 22.38 -8.24
N SER D 27 -28.50 22.47 -8.81
CA SER D 27 -28.24 22.85 -10.23
C SER D 27 -28.64 21.73 -11.19
N ASP D 28 -28.59 20.48 -10.73
CA ASP D 28 -28.62 19.28 -11.62
C ASP D 28 -29.77 18.35 -11.22
N VAL D 29 -29.57 17.47 -10.25
CA VAL D 29 -30.59 16.50 -9.77
C VAL D 29 -31.85 17.27 -9.34
N GLY D 30 -31.68 18.47 -8.78
CA GLY D 30 -32.77 19.36 -8.33
C GLY D 30 -33.67 19.81 -9.48
N THR D 31 -33.14 19.89 -10.71
CA THR D 31 -33.85 20.50 -11.88
C THR D 31 -33.82 19.59 -13.13
N TYR D 32 -33.05 18.49 -13.14
CA TYR D 32 -32.87 17.63 -14.33
C TYR D 32 -32.93 16.15 -13.94
N ASP D 33 -33.35 15.31 -14.91
CA ASP D 33 -33.50 13.85 -14.74
C ASP D 33 -32.38 13.09 -15.46
N LEU D 34 -31.11 13.34 -15.10
CA LEU D 34 -29.93 12.67 -15.70
C LEU D 34 -29.04 12.06 -14.61
N VAL D 35 -29.39 10.87 -14.13
CA VAL D 35 -28.54 10.12 -13.16
C VAL D 35 -28.45 8.68 -13.64
N SER D 36 -27.25 8.10 -13.56
CA SER D 36 -27.01 6.68 -13.88
C SER D 36 -26.67 5.93 -12.59
N TRP D 37 -27.02 4.64 -12.55
CA TRP D 37 -26.66 3.70 -11.45
C TRP D 37 -25.86 2.52 -12.00
N TYR D 38 -24.77 2.16 -11.31
CA TYR D 38 -23.90 1.04 -11.72
C TYR D 38 -23.67 0.06 -10.57
N GLN D 39 -23.87 -1.24 -10.86
CA GLN D 39 -23.64 -2.35 -9.90
C GLN D 39 -22.27 -2.95 -10.18
N GLN D 40 -21.40 -2.96 -9.18
CA GLN D 40 -20.05 -3.56 -9.34
C GLN D 40 -19.81 -4.63 -8.27
N HIS D 41 -20.02 -5.89 -8.63
CA HIS D 41 -19.58 -7.00 -7.75
C HIS D 41 -18.08 -6.81 -7.55
N PRO D 42 -17.53 -7.23 -6.40
CA PRO D 42 -16.09 -7.11 -6.14
C PRO D 42 -15.25 -7.75 -7.26
N GLY D 43 -14.21 -7.06 -7.72
CA GLY D 43 -13.32 -7.58 -8.77
C GLY D 43 -14.08 -7.95 -10.03
N LYS D 44 -14.93 -7.03 -10.51
CA LYS D 44 -15.64 -7.15 -11.82
C LYS D 44 -15.90 -5.74 -12.35
N SER D 45 -16.27 -5.62 -13.63
CA SER D 45 -16.59 -4.34 -14.28
C SER D 45 -17.94 -3.83 -13.80
N PRO D 46 -18.11 -2.50 -13.69
CA PRO D 46 -19.42 -1.89 -13.41
C PRO D 46 -20.45 -2.25 -14.48
N LYS D 47 -21.72 -2.25 -14.09
CA LYS D 47 -22.86 -2.65 -14.94
C LYS D 47 -23.95 -1.61 -14.86
N LEU D 48 -24.33 -1.00 -15.98
CA LEU D 48 -25.46 -0.04 -16.01
C LEU D 48 -26.73 -0.75 -15.52
N MET D 49 -27.33 -0.23 -14.45
CA MET D 49 -28.57 -0.75 -13.85
C MET D 49 -29.74 0.17 -14.25
N ILE D 50 -29.57 1.47 -14.04
CA ILE D 50 -30.64 2.49 -14.26
C ILE D 50 -30.04 3.67 -15.04
N TYR D 51 -30.76 4.16 -16.06
CA TYR D 51 -30.36 5.37 -16.82
C TYR D 51 -31.52 6.37 -16.87
N ALA D 52 -31.18 7.66 -17.05
CA ALA D 52 -32.13 8.79 -17.09
C ALA D 52 -33.03 8.76 -15.84
N ASP D 53 -32.45 8.44 -14.68
CA ASP D 53 -33.08 8.39 -13.32
C ASP D 53 -33.99 7.17 -13.16
N ILE D 54 -34.95 6.98 -14.07
CA ILE D 54 -36.07 6.02 -13.91
C ILE D 54 -35.89 4.84 -14.88
N LYS D 55 -35.36 5.10 -16.07
CA LYS D 55 -35.38 4.10 -17.17
C LYS D 55 -34.50 2.92 -16.79
N ARG D 56 -34.74 1.77 -17.39
CA ARG D 56 -34.03 0.52 -17.04
C ARG D 56 -33.75 -0.27 -18.32
N PRO D 57 -32.49 -0.72 -18.51
CA PRO D 57 -32.12 -1.69 -19.55
C PRO D 57 -32.80 -3.05 -19.37
N SER D 58 -32.73 -3.92 -20.39
CA SER D 58 -33.39 -5.26 -20.39
C SER D 58 -32.54 -6.27 -19.62
N GLY D 59 -31.22 -6.23 -19.80
CA GLY D 59 -30.29 -7.22 -19.21
C GLY D 59 -30.28 -7.18 -17.69
N VAL D 60 -30.77 -6.10 -17.07
CA VAL D 60 -30.75 -5.87 -15.60
C VAL D 60 -32.01 -6.49 -14.97
N SER D 61 -31.83 -7.08 -13.79
CA SER D 61 -32.90 -7.72 -12.98
C SER D 61 -34.05 -6.72 -12.79
N HIS D 62 -35.26 -7.24 -12.69
CA HIS D 62 -36.54 -6.49 -12.67
C HIS D 62 -36.74 -5.82 -11.31
N ARG D 63 -35.95 -6.23 -10.32
CA ARG D 63 -36.12 -5.81 -8.91
C ARG D 63 -35.52 -4.42 -8.69
N PHE D 64 -34.75 -3.92 -9.66
CA PHE D 64 -34.05 -2.61 -9.52
C PHE D 64 -34.95 -1.52 -10.10
N SER D 65 -35.16 -0.44 -9.36
CA SER D 65 -36.06 0.64 -9.77
C SER D 65 -35.40 1.99 -9.50
N GLY D 66 -35.56 2.92 -10.43
CA GLY D 66 -35.03 4.28 -10.30
C GLY D 66 -36.13 5.25 -9.92
N SER D 67 -35.81 6.23 -9.08
CA SER D 67 -36.78 7.29 -8.67
C SER D 67 -36.02 8.56 -8.33
N LYS D 68 -36.74 9.70 -8.33
CA LYS D 68 -36.16 11.05 -8.04
C LYS D 68 -37.14 11.88 -7.22
N SER D 69 -36.61 12.69 -6.30
CA SER D 69 -37.39 13.69 -5.52
C SER D 69 -36.46 14.79 -5.01
N GLY D 70 -36.87 16.05 -5.12
CA GLY D 70 -36.08 17.21 -4.67
C GLY D 70 -34.68 17.23 -5.29
N ASN D 71 -33.64 17.31 -4.44
CA ASN D 71 -32.22 17.39 -4.88
C ASN D 71 -31.53 16.02 -4.75
N THR D 72 -32.28 14.92 -4.70
CA THR D 72 -31.72 13.55 -4.57
C THR D 72 -32.27 12.64 -5.67
N ALA D 73 -31.46 11.68 -6.09
CA ALA D 73 -31.91 10.53 -6.89
C ALA D 73 -31.71 9.29 -6.03
N SER D 74 -32.37 8.18 -6.35
CA SER D 74 -32.18 6.93 -5.57
C SER D 74 -32.50 5.69 -6.41
N LEU D 75 -31.89 4.58 -5.98
CA LEU D 75 -32.07 3.21 -6.52
C LEU D 75 -32.76 2.39 -5.45
N THR D 76 -33.77 1.62 -5.84
CA THR D 76 -34.49 0.73 -4.91
C THR D 76 -34.37 -0.71 -5.41
N ILE D 77 -33.96 -1.59 -4.50
CA ILE D 77 -33.84 -3.04 -4.78
C ILE D 77 -34.96 -3.72 -4.00
N SER D 78 -35.83 -4.43 -4.71
CA SER D 78 -36.89 -5.23 -4.08
C SER D 78 -36.37 -6.65 -3.88
N GLY D 79 -37.03 -7.41 -2.99
CA GLY D 79 -36.78 -8.85 -2.79
C GLY D 79 -35.29 -9.15 -2.75
N LEU D 80 -34.56 -8.53 -1.80
CA LEU D 80 -33.08 -8.60 -1.71
C LEU D 80 -32.61 -10.05 -1.73
N GLN D 81 -31.73 -10.37 -2.68
CA GLN D 81 -30.98 -11.65 -2.76
C GLN D 81 -29.55 -11.36 -2.32
N SER D 82 -28.86 -12.36 -1.78
CA SER D 82 -27.44 -12.25 -1.37
C SER D 82 -26.59 -11.87 -2.59
N ALA D 83 -27.02 -12.30 -3.78
CA ALA D 83 -26.37 -12.00 -5.07
C ALA D 83 -26.31 -10.50 -5.31
N ASP D 84 -27.13 -9.72 -4.61
CA ASP D 84 -27.12 -8.24 -4.75
C ASP D 84 -25.99 -7.65 -3.90
N GLU D 85 -25.28 -8.46 -3.12
CA GLU D 85 -24.16 -7.94 -2.31
C GLU D 85 -23.09 -7.48 -3.30
N ALA D 86 -22.87 -6.16 -3.36
CA ALA D 86 -21.97 -5.49 -4.32
C ALA D 86 -21.80 -4.02 -3.93
N ASP D 87 -20.99 -3.29 -4.70
CA ASP D 87 -20.85 -1.82 -4.58
C ASP D 87 -21.76 -1.16 -5.63
N TYR D 88 -22.42 -0.06 -5.27
CA TYR D 88 -23.35 0.67 -6.17
C TYR D 88 -22.96 2.15 -6.23
N TYR D 89 -22.70 2.64 -7.45
CA TYR D 89 -22.30 4.04 -7.73
C TYR D 89 -23.35 4.73 -8.59
N CYS D 90 -23.65 6.00 -8.27
CA CYS D 90 -24.46 6.89 -9.14
C CYS D 90 -23.53 7.87 -9.87
N CYS D 91 -23.89 8.28 -11.08
CA CYS D 91 -23.07 9.29 -11.81
C CYS D 91 -24.00 10.31 -12.48
N LEU D 92 -23.41 11.43 -12.90
CA LEU D 92 -24.14 12.66 -13.29
C LEU D 92 -23.32 13.45 -14.31
N TYR D 93 -23.84 13.66 -15.52
CA TYR D 93 -23.06 14.31 -16.62
C TYR D 93 -23.87 15.33 -17.42
N ALA D 94 -23.35 16.57 -17.51
CA ALA D 94 -23.88 17.65 -18.37
C ALA D 94 -23.37 17.46 -19.80
N GLY D 95 -23.44 18.48 -20.65
CA GLY D 95 -23.17 18.37 -22.10
C GLY D 95 -21.71 18.58 -22.45
N SER D 96 -21.37 19.75 -22.99
CA SER D 96 -20.01 20.13 -23.47
C SER D 96 -19.25 20.88 -22.37
N SER D 97 -17.90 20.88 -22.46
CA SER D 97 -16.97 21.61 -21.58
C SER D 97 -17.31 21.34 -20.11
N THR D 98 -17.52 20.06 -19.76
CA THR D 98 -17.96 19.64 -18.41
C THR D 98 -17.35 18.28 -18.09
N SER D 99 -17.60 17.77 -16.88
CA SER D 99 -16.96 16.53 -16.36
C SER D 99 -17.94 15.69 -15.54
N VAL D 100 -18.20 14.46 -15.97
CA VAL D 100 -19.12 13.52 -15.27
C VAL D 100 -18.63 13.32 -13.84
N ILE D 101 -19.55 13.43 -12.90
CA ILE D 101 -19.30 13.19 -11.45
C ILE D 101 -19.76 11.77 -11.13
N PHE D 102 -18.95 11.01 -10.40
CA PHE D 102 -19.36 9.73 -9.79
C PHE D 102 -19.58 9.97 -8.30
N GLY D 103 -20.54 9.27 -7.70
CA GLY D 103 -20.78 9.34 -6.25
C GLY D 103 -19.72 8.53 -5.54
N GLY D 104 -19.66 8.65 -4.21
CA GLY D 104 -18.71 7.92 -3.35
C GLY D 104 -18.88 6.42 -3.51
N GLY D 105 -20.13 5.95 -3.61
CA GLY D 105 -20.47 4.53 -3.76
C GLY D 105 -20.99 3.93 -2.47
N THR D 106 -21.89 2.95 -2.58
CA THR D 106 -22.58 2.34 -1.43
C THR D 106 -22.36 0.84 -1.38
N LYS D 107 -21.93 0.32 -0.24
CA LYS D 107 -21.71 -1.14 -0.04
C LYS D 107 -23.03 -1.72 0.45
N VAL D 108 -23.49 -2.79 -0.19
CA VAL D 108 -24.76 -3.47 0.17
C VAL D 108 -24.45 -4.82 0.83
N THR D 109 -25.21 -5.16 1.89
CA THR D 109 -25.05 -6.41 2.67
C THR D 109 -26.42 -7.01 3.05
N GLY D 110 -26.49 -8.34 3.15
CA GLY D 110 -27.63 -9.10 3.73
C GLY D 110 -27.43 -9.31 5.23
N PRO D 112 -25.93 -15.69 7.58
CA PRO D 112 -25.81 -17.17 7.57
C PRO D 112 -24.35 -17.62 7.69
N LYS D 113 -24.01 -18.36 8.74
CA LYS D 113 -22.60 -18.73 9.07
C LYS D 113 -22.19 -19.96 8.25
N ALA D 114 -20.89 -20.05 7.95
CA ALA D 114 -20.25 -21.18 7.24
C ALA D 114 -18.78 -21.30 7.64
N ALA D 115 -18.38 -22.52 8.01
CA ALA D 115 -16.98 -22.86 8.38
C ALA D 115 -16.17 -23.05 7.10
N PRO D 116 -14.87 -22.70 7.15
CA PRO D 116 -13.97 -22.80 6.01
C PRO D 116 -13.53 -24.20 5.55
N SER D 117 -13.39 -24.37 4.23
CA SER D 117 -12.69 -25.52 3.62
C SER D 117 -11.23 -25.13 3.50
N VAL D 118 -10.32 -25.99 3.91
CA VAL D 118 -8.87 -25.65 3.95
C VAL D 118 -8.07 -26.60 3.06
N THR D 119 -7.28 -26.08 2.15
CA THR D 119 -6.40 -26.90 1.28
C THR D 119 -4.95 -26.55 1.53
N LEU D 120 -4.11 -27.55 1.84
CA LEU D 120 -2.67 -27.35 2.16
C LEU D 120 -1.77 -28.23 1.29
N PHE D 121 -0.88 -27.60 0.54
CA PHE D 121 0.14 -28.32 -0.27
C PHE D 121 1.54 -28.09 0.30
N PRO D 122 2.39 -29.15 0.26
CA PRO D 122 3.79 -29.07 0.60
C PRO D 122 4.51 -28.38 -0.54
N PRO D 123 5.81 -28.06 -0.33
CA PRO D 123 6.64 -27.45 -1.35
C PRO D 123 6.72 -28.38 -2.56
N SER D 124 6.63 -27.83 -3.77
CA SER D 124 6.74 -28.67 -4.98
C SER D 124 8.13 -29.28 -5.05
N SER D 125 8.25 -30.51 -5.55
CA SER D 125 9.55 -31.20 -5.79
C SER D 125 10.48 -30.26 -6.57
N GLU D 126 9.92 -29.52 -7.52
CA GLU D 126 10.64 -28.58 -8.41
C GLU D 126 11.18 -27.38 -7.62
N GLU D 127 10.39 -26.82 -6.71
CA GLU D 127 10.77 -25.64 -5.90
C GLU D 127 11.92 -26.02 -4.96
N LEU D 128 11.93 -27.25 -4.46
CA LEU D 128 12.99 -27.74 -3.53
C LEU D 128 14.33 -27.82 -4.27
N GLN D 129 14.32 -28.15 -5.57
CA GLN D 129 15.55 -28.27 -6.40
C GLN D 129 16.08 -26.87 -6.69
N ALA D 130 15.23 -25.85 -6.64
CA ALA D 130 15.57 -24.41 -6.81
C ALA D 130 16.01 -23.83 -5.47
N ASN D 131 16.25 -24.69 -4.48
CA ASN D 131 16.69 -24.34 -3.11
C ASN D 131 15.70 -23.40 -2.43
N LYS D 132 14.42 -23.46 -2.81
CA LYS D 132 13.33 -22.72 -2.12
C LYS D 132 12.33 -23.74 -1.58
N ALA D 133 11.33 -23.28 -0.82
CA ALA D 133 10.26 -24.14 -0.26
C ALA D 133 9.11 -23.27 0.21
N THR D 134 7.93 -23.46 -0.38
CA THR D 134 6.70 -22.73 0.03
C THR D 134 5.55 -23.69 0.33
N LEU D 135 4.94 -23.49 1.49
CA LEU D 135 3.70 -24.16 1.93
C LEU D 135 2.52 -23.26 1.61
N VAL D 136 1.50 -23.80 0.96
CA VAL D 136 0.39 -22.95 0.49
C VAL D 136 -0.90 -23.42 1.18
N CYS D 137 -1.54 -22.51 1.91
CA CYS D 137 -2.78 -22.78 2.68
C CYS D 137 -3.91 -21.94 2.10
N LEU D 138 -4.90 -22.62 1.51
CA LEU D 138 -6.00 -21.99 0.76
C LEU D 138 -7.31 -22.16 1.54
N ILE D 139 -7.92 -21.04 1.89
CA ILE D 139 -9.13 -21.08 2.74
C ILE D 139 -10.31 -20.62 1.91
N SER D 140 -11.40 -21.38 1.87
CA SER D 140 -12.55 -21.05 1.01
C SER D 140 -13.91 -21.36 1.66
N ASP D 141 -14.95 -20.71 1.13
CA ASP D 141 -16.38 -20.99 1.39
C ASP D 141 -16.72 -20.74 2.86
N PHE D 142 -16.25 -19.65 3.44
CA PHE D 142 -16.58 -19.30 4.84
C PHE D 142 -17.36 -17.98 4.91
N TYR D 143 -18.14 -17.80 5.97
CA TYR D 143 -18.88 -16.55 6.24
C TYR D 143 -19.07 -16.42 7.74
N PRO D 144 -18.90 -15.22 8.34
CA PRO D 144 -18.47 -13.99 7.68
C PRO D 144 -17.01 -14.01 7.18
N GLY D 145 -16.60 -12.93 6.52
CA GLY D 145 -15.25 -12.77 5.95
C GLY D 145 -14.24 -12.36 7.01
N ALA D 146 -14.02 -13.22 8.01
CA ALA D 146 -13.09 -12.98 9.14
C ALA D 146 -12.50 -14.30 9.63
N VAL D 147 -11.19 -14.43 9.57
CA VAL D 147 -10.52 -15.73 9.80
C VAL D 147 -9.14 -15.45 10.37
N THR D 148 -8.63 -16.39 11.16
CA THR D 148 -7.26 -16.38 11.72
C THR D 148 -6.47 -17.58 11.24
N VAL D 149 -5.24 -17.37 10.78
CA VAL D 149 -4.38 -18.49 10.35
C VAL D 149 -3.12 -18.48 11.20
N ALA D 150 -2.79 -19.61 11.81
CA ALA D 150 -1.60 -19.76 12.66
C ALA D 150 -0.84 -20.99 12.21
N TRP D 151 0.41 -20.82 11.80
CA TRP D 151 1.27 -21.90 11.25
C TRP D 151 2.05 -22.58 12.37
N LYS D 152 2.46 -23.84 12.15
CA LYS D 152 3.22 -24.62 13.15
C LYS D 152 4.27 -25.48 12.46
N ALA D 153 5.43 -25.58 13.11
CA ALA D 153 6.51 -26.53 12.80
C ALA D 153 6.49 -27.59 13.89
N ASP D 154 6.18 -28.83 13.54
CA ASP D 154 5.86 -29.89 14.52
C ASP D 154 4.77 -29.32 15.45
N SER D 155 5.06 -29.21 16.74
CA SER D 155 4.09 -28.70 17.74
C SER D 155 4.29 -27.19 17.89
N SER D 156 5.54 -26.72 17.86
CA SER D 156 5.89 -25.31 18.13
C SER D 156 5.30 -24.42 17.06
N PRO D 157 4.88 -23.19 17.42
CA PRO D 157 4.39 -22.21 16.46
C PRO D 157 5.49 -21.64 15.57
N VAL D 158 5.11 -21.21 14.38
CA VAL D 158 5.98 -20.49 13.41
C VAL D 158 5.93 -18.99 13.70
N LYS D 159 7.10 -18.36 13.81
CA LYS D 159 7.20 -16.94 14.21
C LYS D 159 7.76 -16.09 13.07
N ALA D 160 7.94 -16.64 11.86
CA ALA D 160 8.57 -15.93 10.73
C ALA D 160 8.23 -16.58 9.38
N GLY D 161 8.03 -15.76 8.35
CA GLY D 161 7.89 -16.25 6.97
C GLY D 161 6.44 -16.43 6.56
N VAL D 162 5.50 -15.90 7.33
CA VAL D 162 4.05 -16.08 7.09
C VAL D 162 3.52 -14.88 6.32
N GLU D 163 2.87 -15.15 5.19
CA GLU D 163 2.20 -14.12 4.36
C GLU D 163 0.74 -14.53 4.12
N THR D 164 -0.20 -13.76 4.67
CA THR D 164 -1.64 -14.10 4.64
C THR D 164 -2.46 -12.94 4.07
N THR D 165 -3.42 -13.28 3.23
CA THR D 165 -4.34 -12.33 2.56
C THR D 165 -5.47 -11.91 3.51
N THR D 166 -6.10 -10.81 3.14
CA THR D 166 -7.40 -10.36 3.67
C THR D 166 -8.48 -11.22 3.02
N PRO D 167 -9.50 -11.62 3.79
CA PRO D 167 -10.68 -12.26 3.23
C PRO D 167 -11.29 -11.39 2.13
N SER D 168 -11.75 -11.99 1.05
CA SER D 168 -12.34 -11.26 -0.08
C SER D 168 -13.63 -11.96 -0.53
N LYS D 169 -14.69 -11.18 -0.77
CA LYS D 169 -16.04 -11.71 -1.08
C LYS D 169 -15.96 -12.57 -2.35
N GLN D 170 -16.30 -13.83 -2.20
CA GLN D 170 -16.18 -14.90 -3.23
C GLN D 170 -17.37 -14.76 -4.20
N SER D 171 -17.25 -15.35 -5.39
CA SER D 171 -18.32 -15.37 -6.41
C SER D 171 -19.62 -15.94 -5.81
N ASN D 172 -19.51 -16.95 -4.94
CA ASN D 172 -20.67 -17.74 -4.42
C ASN D 172 -21.21 -17.15 -3.11
N ASN D 173 -21.05 -15.85 -2.90
CA ASN D 173 -21.67 -15.13 -1.76
C ASN D 173 -20.96 -15.46 -0.43
N LYS D 174 -19.89 -16.27 -0.46
CA LYS D 174 -19.10 -16.57 0.76
C LYS D 174 -17.77 -15.84 0.63
N TYR D 175 -16.82 -16.10 1.52
CA TYR D 175 -15.48 -15.46 1.49
C TYR D 175 -14.39 -16.49 1.25
N ALA D 176 -13.27 -16.02 0.72
CA ALA D 176 -12.08 -16.85 0.51
C ALA D 176 -10.87 -16.08 1.04
N ALA D 177 -9.79 -16.82 1.33
CA ALA D 177 -8.49 -16.26 1.77
C ALA D 177 -7.39 -17.28 1.52
N SER D 178 -6.15 -16.83 1.45
CA SER D 178 -4.98 -17.73 1.29
C SER D 178 -3.83 -17.31 2.19
N SER D 179 -2.96 -18.25 2.56
CA SER D 179 -1.78 -17.96 3.41
C SER D 179 -0.60 -18.83 2.98
N TYR D 180 0.59 -18.21 2.86
CA TYR D 180 1.85 -18.89 2.46
C TYR D 180 2.91 -18.80 3.56
N LEU D 181 3.67 -19.89 3.72
CA LEU D 181 4.80 -19.96 4.66
C LEU D 181 6.09 -20.21 3.88
N SER D 182 7.02 -19.26 3.91
CA SER D 182 8.32 -19.34 3.20
C SER D 182 9.36 -19.99 4.11
N LEU D 183 9.87 -21.13 3.69
CA LEU D 183 10.94 -21.84 4.43
C LEU D 183 12.10 -22.15 3.50
N THR D 184 13.23 -22.52 4.08
CA THR D 184 14.34 -23.17 3.36
C THR D 184 14.04 -24.64 3.25
N PRO D 185 14.59 -25.33 2.23
CA PRO D 185 14.52 -26.78 2.12
C PRO D 185 15.09 -27.51 3.35
N GLU D 186 16.03 -26.88 4.06
CA GLU D 186 16.68 -27.48 5.26
C GLU D 186 15.70 -27.44 6.44
N GLN D 187 14.97 -26.32 6.61
CA GLN D 187 13.93 -26.21 7.65
C GLN D 187 12.85 -27.27 7.38
N TRP D 188 12.39 -27.38 6.14
CA TRP D 188 11.26 -28.26 5.72
C TRP D 188 11.60 -29.71 6.06
N LYS D 189 12.81 -30.16 5.74
CA LYS D 189 13.24 -31.58 5.95
C LYS D 189 13.58 -31.80 7.43
N SER D 190 13.99 -30.74 8.15
CA SER D 190 14.39 -30.78 9.58
C SER D 190 13.22 -31.18 10.49
N HIS D 191 12.03 -30.64 10.24
CA HIS D 191 10.83 -30.91 11.07
C HIS D 191 10.03 -32.10 10.51
N ARG D 192 9.35 -32.81 11.40
CA ARG D 192 8.62 -34.06 11.05
C ARG D 192 7.35 -33.66 10.30
N SER D 193 6.79 -32.51 10.60
CA SER D 193 5.56 -32.02 9.93
C SER D 193 5.41 -30.51 10.07
N TYR D 194 4.64 -29.92 9.16
CA TYR D 194 4.19 -28.51 9.24
C TYR D 194 2.66 -28.51 9.18
N SER D 195 2.04 -27.48 9.73
CA SER D 195 0.57 -27.41 9.83
C SER D 195 0.08 -26.01 9.59
N CYS D 196 -1.14 -25.92 9.06
CA CYS D 196 -1.91 -24.67 8.81
C CYS D 196 -3.21 -24.74 9.63
N GLN D 197 -3.27 -23.99 10.73
CA GLN D 197 -4.44 -24.00 11.66
C GLN D 197 -5.30 -22.78 11.36
N VAL D 198 -6.45 -23.01 10.73
CA VAL D 198 -7.37 -21.92 10.30
C VAL D 198 -8.55 -21.88 11.26
N THR D 199 -8.76 -20.74 11.90
CA THR D 199 -9.79 -20.55 12.94
C THR D 199 -10.80 -19.52 12.45
N HIS D 200 -12.08 -19.82 12.66
CA HIS D 200 -13.20 -18.99 12.17
C HIS D 200 -14.40 -19.22 13.08
N GLU D 201 -14.95 -18.15 13.66
CA GLU D 201 -16.24 -18.17 14.40
C GLU D 201 -16.34 -19.45 15.25
N GLY D 202 -15.43 -19.62 16.23
CA GLY D 202 -15.47 -20.73 17.21
C GLY D 202 -15.38 -22.10 16.52
N SER D 203 -14.76 -22.16 15.36
CA SER D 203 -14.57 -23.40 14.58
C SER D 203 -13.14 -23.40 14.06
N THR D 204 -12.38 -24.47 14.29
CA THR D 204 -10.99 -24.56 13.81
C THR D 204 -10.86 -25.71 12.84
N VAL D 205 -10.20 -25.44 11.72
CA VAL D 205 -9.86 -26.45 10.70
C VAL D 205 -8.35 -26.41 10.56
N GLU D 206 -7.70 -27.57 10.65
CA GLU D 206 -6.23 -27.62 10.61
C GLU D 206 -5.79 -28.72 9.67
N LYS D 207 -4.84 -28.38 8.82
CA LYS D 207 -4.25 -29.31 7.83
C LYS D 207 -2.74 -29.43 8.09
N THR D 208 -2.23 -30.65 7.98
CA THR D 208 -0.81 -30.96 8.26
C THR D 208 -0.22 -31.50 6.97
N VAL D 209 1.10 -31.48 6.88
CA VAL D 209 1.82 -31.96 5.69
C VAL D 209 3.25 -32.32 6.13
N ALA D 210 3.87 -33.25 5.43
CA ALA D 210 5.24 -33.71 5.74
C ALA D 210 6.05 -34.00 4.47
N PRO D 211 7.38 -34.09 4.60
CA PRO D 211 8.27 -34.54 3.51
C PRO D 211 7.97 -35.96 3.03
N THR D 212 8.14 -36.20 1.72
CA THR D 212 7.89 -37.51 1.05
C THR D 212 9.20 -38.06 0.47
#